data_3I7K
#
_entry.id   3I7K
#
_cell.length_a   64.081
_cell.length_b   132.215
_cell.length_c   184.001
_cell.angle_alpha   90.00
_cell.angle_beta   90.00
_cell.angle_gamma   90.00
#
_symmetry.space_group_name_H-M   'P 21 21 21'
#
loop_
_entity.id
_entity.type
_entity.pdbx_description
1 polymer 'DNA damage-binding protein 1'
2 polymer 'X protein'
#
loop_
_entity_poly.entity_id
_entity_poly.type
_entity_poly.pdbx_seq_one_letter_code
_entity_poly.pdbx_strand_id
1 'polypeptide(L)'
;GSHMSYNYVVTAQKPTAVNGCVTGHFTSAEDLNLLIAKNTRLEIYVVTAEGLRPVKEVGMYGKIAVMELFRPKGESKDLL
FILTAKYNACILEYKQSGESIDIITRAHGNVQDRIGRPSETGIIGIIDPECRMIGLRLYDGLFKVIPLDRDNKELKAFNI
RLEELHVIDVKFLYGCQAPTICFVYQDPQGRHVKTYEVSLREKEFNKGPWKQENVEAEASMVIAVPEPFGGAIIIGQESI
TYHNGDKYLAIAPPIIKQSTIVCHNRVDPNGSRYLLGDMEGRLFMLLLEKEEQMDGTVTLKDLRVELLGETSIAECLTYL
DNGVVFVGSRLGDSQLVKLNVDSNEQGSYVVAMETFTNLGPIVDMCVVDLERQGQGQLVTCSGAFKEGSLRIIRNGIGIH
EHASIDLPGIKGLWPLRSDPNRETYDTLVLSFVGQTRVLMLNGEEVEETELMGFVDDQQTFFCGNVAHQQLIQITSASVR
LVSQEPKALVSEWKEPQAKNISVASCNSSQVVVAVGRALYYLQIHPQELRQISHTEMEHEVACLDITPLGDSNGLSPLCA
IGLWTDISARILKLPSFELLHKEMLGGEIIPRSILMTTFESSHYLLCALGDGALFYFGLNIETGLLSDRKKVTLGTQPTV
LRTFRSLSTTNVFACSDRPTVIYSSNHKLVFSNVNLKEVNYMCPLNSDGYPDSLALANNSTLTIGTIDEIQKLHIRTVPL
YESPRKICYQEVSQCFGVLSSRIEVQDTSGGTTALRPSASTQALSSSVSSSKLFSSSTAPHETSFGEEVEVHNLLIIDQH
TFEVLHAHQFLQNEYALSLVSCKLGKDPNTYFIVGTAMVYPEEAEPKQGRIVVFQYSDGKLQTVAEKEVKGAVYSMVEFN
GKLLASINSTVRLYEWTTEKDVRTECNHYNNIMALYLKTKGDFILVGDLMRSVLLLAYKPMEGNFEEIARDFNPNWMSAV
EILDDDNFLGAENAFNLFVCQKDSAATTDEERQHLQEVGLFHLGEFVNVFCHGSLVMQNLGETSTPTQGSVLFGTVNGMI
GLVTSLSESWYNLLLDMQNRLNKVIKSVGKIEHSFWRSFHTERKTEPATGFIDGDLIESFLDISRPKMQEVVANLQYDDG
SGMKREATADDLIKVVEELTRIH
;
A
2 'polypeptide(L)' NFVSWHANRQLGMP B
#
# COMPACT_ATOMS: atom_id res chain seq x y z
N MET A 4 2.12 7.18 32.87
CA MET A 4 0.78 7.27 32.19
C MET A 4 0.98 7.32 30.68
N SER A 5 1.62 6.29 30.12
CA SER A 5 1.99 6.27 28.69
C SER A 5 1.46 5.09 27.88
N TYR A 6 0.38 5.32 27.13
CA TYR A 6 -0.28 4.22 26.39
C TYR A 6 -0.58 4.53 24.91
N ASN A 7 0.21 3.94 24.02
CA ASN A 7 0.07 4.15 22.57
C ASN A 7 -0.18 2.90 21.72
N TYR A 8 -0.95 3.12 20.65
CA TYR A 8 -1.38 2.09 19.72
C TYR A 8 -0.99 2.45 18.28
N VAL A 9 -0.48 1.46 17.54
CA VAL A 9 0.10 1.69 16.19
C VAL A 9 -0.31 0.63 15.17
N VAL A 10 -1.00 1.05 14.12
CA VAL A 10 -1.28 0.13 13.01
C VAL A 10 -0.79 0.57 11.66
N THR A 11 -0.51 -0.41 10.80
CA THR A 11 -0.35 -0.15 9.41
C THR A 11 -1.71 0.23 8.85
N ALA A 12 -1.72 1.25 7.98
CA ALA A 12 -2.94 1.67 7.32
C ALA A 12 -2.86 1.35 5.85
N GLN A 13 -1.63 1.24 5.37
CA GLN A 13 -1.33 0.87 4.01
C GLN A 13 -0.01 0.17 4.09
N LYS A 14 0.04 -1.08 3.65
CA LYS A 14 1.31 -1.81 3.72
C LYS A 14 2.33 -1.09 2.85
N PRO A 15 3.60 -1.21 3.19
CA PRO A 15 4.67 -0.62 2.35
C PRO A 15 4.48 -0.97 0.89
N THR A 16 4.70 -0.02 -0.01
CA THR A 16 4.51 -0.26 -1.45
C THR A 16 5.75 -0.14 -2.29
N ALA A 17 6.82 0.43 -1.77
CA ALA A 17 8.11 0.43 -2.46
C ALA A 17 8.73 -0.96 -2.58
N VAL A 18 9.38 -1.24 -3.69
CA VAL A 18 10.06 -2.50 -3.86
C VAL A 18 11.53 -2.37 -3.49
N ASN A 19 11.98 -3.19 -2.55
CA ASN A 19 13.38 -3.15 -2.13
C ASN A 19 14.25 -4.16 -2.82
N GLY A 20 13.66 -5.30 -3.16
CA GLY A 20 14.37 -6.34 -3.88
C GLY A 20 13.41 -7.22 -4.63
N CYS A 21 13.93 -7.95 -5.61
CA CYS A 21 13.15 -8.91 -6.39
C CYS A 21 14.14 -9.86 -6.97
N VAL A 22 13.74 -11.12 -7.06
CA VAL A 22 14.62 -12.15 -7.55
C VAL A 22 13.80 -13.23 -8.29
N THR A 23 14.47 -13.98 -9.12
CA THR A 23 13.80 -14.97 -9.93
C THR A 23 14.34 -16.38 -9.70
N GLY A 24 13.45 -17.38 -9.74
CA GLY A 24 13.91 -18.78 -9.71
C GLY A 24 12.80 -19.80 -9.61
N HIS A 25 13.16 -20.98 -9.08
CA HIS A 25 12.25 -22.15 -9.02
C HIS A 25 12.07 -22.63 -7.58
N PHE A 26 11.04 -22.11 -6.94
CA PHE A 26 10.93 -22.19 -5.51
C PHE A 26 9.58 -22.73 -5.08
N THR A 27 8.55 -22.42 -5.87
CA THR A 27 7.20 -22.98 -5.75
C THR A 27 7.26 -24.47 -6.08
N SER A 28 7.97 -24.78 -7.16
CA SER A 28 8.30 -26.11 -7.57
C SER A 28 9.52 -26.00 -8.46
N ALA A 29 10.18 -27.12 -8.73
CA ALA A 29 11.27 -27.20 -9.70
C ALA A 29 10.80 -26.91 -11.14
N GLU A 30 9.48 -26.98 -11.34
CA GLU A 30 8.84 -26.91 -12.65
C GLU A 30 8.00 -25.63 -12.81
N ASP A 31 8.44 -24.56 -12.15
CA ASP A 31 7.76 -23.26 -12.11
C ASP A 31 8.80 -22.14 -12.29
N LEU A 32 8.38 -20.99 -12.81
CA LEU A 32 9.21 -19.77 -12.74
C LEU A 32 8.56 -18.74 -11.82
N ASN A 33 9.21 -18.42 -10.70
CA ASN A 33 8.63 -17.50 -9.73
C ASN A 33 9.25 -16.13 -9.78
N LEU A 34 8.49 -15.12 -9.35
CA LEU A 34 9.06 -13.82 -9.00
C LEU A 34 8.95 -13.64 -7.49
N LEU A 35 10.08 -13.42 -6.82
CA LEU A 35 10.02 -13.07 -5.40
C LEU A 35 10.33 -11.60 -5.20
N ILE A 36 9.36 -10.85 -4.66
CA ILE A 36 9.52 -9.43 -4.40
C ILE A 36 9.62 -9.16 -2.92
N ALA A 37 10.66 -8.43 -2.54
CA ALA A 37 10.82 -7.98 -1.15
C ALA A 37 10.30 -6.57 -1.05
N LYS A 38 9.24 -6.40 -0.27
CA LYS A 38 8.89 -5.09 0.20
C LYS A 38 9.75 -4.86 1.43
N ASN A 39 9.20 -4.42 2.54
CA ASN A 39 10.14 -4.05 3.60
C ASN A 39 10.32 -5.30 4.47
N THR A 40 9.31 -5.55 5.28
CA THR A 40 9.24 -6.73 6.07
C THR A 40 8.41 -7.79 5.31
N ARG A 41 8.09 -7.54 4.05
CA ARG A 41 7.16 -8.39 3.29
C ARG A 41 7.83 -9.13 2.11
N LEU A 42 7.64 -10.46 2.04
CA LEU A 42 8.05 -11.29 0.90
C LEU A 42 6.80 -11.59 0.09
N GLU A 43 6.86 -11.34 -1.20
CA GLU A 43 5.74 -11.65 -2.06
C GLU A 43 6.22 -12.71 -3.01
N ILE A 44 5.39 -13.72 -3.26
CA ILE A 44 5.77 -14.81 -4.13
C ILE A 44 4.79 -14.94 -5.28
N TYR A 45 5.30 -14.81 -6.51
CA TYR A 45 4.43 -14.90 -7.71
C TYR A 45 4.76 -16.12 -8.56
N VAL A 46 3.85 -16.50 -9.44
CA VAL A 46 4.22 -17.44 -10.49
C VAL A 46 4.17 -16.64 -11.75
N VAL A 47 5.24 -16.72 -12.51
CA VAL A 47 5.28 -16.13 -13.83
C VAL A 47 4.43 -17.06 -14.65
N THR A 48 3.34 -16.50 -15.22
CA THR A 48 2.43 -17.25 -16.09
C THR A 48 2.56 -16.74 -17.52
N ALA A 49 1.41 -16.58 -18.20
CA ALA A 49 1.40 -16.19 -19.59
C ALA A 49 0.63 -14.87 -19.74
N GLU A 50 -0.34 -14.65 -18.86
CA GLU A 50 -1.00 -13.37 -18.81
C GLU A 50 -0.10 -12.36 -18.09
N GLY A 51 0.54 -12.81 -17.01
CA GLY A 51 1.46 -11.98 -16.23
C GLY A 51 1.96 -12.65 -14.96
N LEU A 52 1.49 -12.16 -13.82
CA LEU A 52 1.93 -12.70 -12.53
C LEU A 52 0.79 -13.34 -11.72
N ARG A 53 0.95 -14.60 -11.32
CA ARG A 53 -0.04 -15.26 -10.48
C ARG A 53 0.43 -15.25 -9.02
N PRO A 54 -0.26 -14.47 -8.16
CA PRO A 54 0.12 -14.42 -6.75
C PRO A 54 -0.08 -15.77 -6.15
N VAL A 55 0.74 -16.16 -5.19
CA VAL A 55 0.51 -17.42 -4.51
C VAL A 55 0.55 -17.26 -2.99
N LYS A 56 1.48 -16.45 -2.49
CA LYS A 56 1.73 -16.31 -1.05
C LYS A 56 2.46 -15.01 -0.73
N GLU A 57 1.98 -14.34 0.31
CA GLU A 57 2.45 -13.04 0.77
C GLU A 57 2.74 -13.26 2.25
N VAL A 58 3.97 -13.09 2.70
CA VAL A 58 4.26 -13.36 4.11
C VAL A 58 4.97 -12.24 4.89
N GLY A 59 4.58 -12.09 6.16
CA GLY A 59 5.23 -11.14 7.09
C GLY A 59 6.50 -11.69 7.72
N MET A 60 7.55 -10.87 7.71
CA MET A 60 8.78 -11.13 8.49
C MET A 60 8.86 -10.13 9.61
N TYR A 61 9.49 -10.55 10.70
CA TYR A 61 9.71 -9.69 11.85
C TYR A 61 11.04 -8.99 11.71
N GLY A 62 11.19 -8.23 10.62
CA GLY A 62 12.52 -7.78 10.15
C GLY A 62 12.54 -7.21 8.75
N LYS A 63 13.29 -6.13 8.58
CA LYS A 63 13.56 -5.55 7.27
C LYS A 63 14.43 -6.53 6.49
N ILE A 64 13.90 -7.11 5.42
CA ILE A 64 14.70 -7.96 4.51
C ILE A 64 15.84 -7.19 3.81
N ALA A 65 17.05 -7.74 3.79
CA ALA A 65 18.28 -7.04 3.36
C ALA A 65 19.10 -7.95 2.49
N VAL A 66 18.75 -9.23 2.48
CA VAL A 66 19.35 -10.16 1.54
C VAL A 66 18.29 -11.16 1.20
N MET A 67 18.08 -11.37 -0.09
CA MET A 67 17.09 -12.35 -0.54
C MET A 67 17.74 -13.17 -1.67
N GLU A 68 18.02 -14.44 -1.43
CA GLU A 68 18.72 -15.23 -2.46
C GLU A 68 18.19 -16.65 -2.60
N LEU A 69 17.95 -17.08 -3.84
CA LEU A 69 17.57 -18.47 -4.09
C LEU A 69 18.79 -19.29 -4.46
N PHE A 70 18.77 -20.58 -4.11
CA PHE A 70 19.85 -21.52 -4.40
C PHE A 70 19.34 -22.94 -4.19
N ARG A 71 19.86 -23.91 -4.94
CA ARG A 71 19.58 -25.33 -4.63
C ARG A 71 20.84 -26.09 -4.20
N PRO A 72 20.86 -26.56 -2.94
CA PRO A 72 21.97 -27.33 -2.40
C PRO A 72 22.08 -28.71 -3.06
N LYS A 73 23.23 -29.35 -2.86
CA LYS A 73 23.52 -30.64 -3.49
C LYS A 73 22.37 -31.65 -3.35
N GLY A 74 21.88 -32.13 -4.50
CA GLY A 74 20.78 -33.09 -4.54
C GLY A 74 19.53 -32.53 -3.88
N GLU A 75 18.96 -31.51 -4.50
CA GLU A 75 17.78 -30.85 -3.94
C GLU A 75 16.63 -30.68 -4.92
N SER A 76 15.43 -30.96 -4.43
CA SER A 76 14.22 -30.96 -5.24
C SER A 76 14.02 -29.59 -5.95
N LYS A 77 13.68 -28.56 -5.19
CA LYS A 77 13.49 -27.21 -5.74
C LYS A 77 14.50 -26.24 -5.15
N ASP A 78 14.35 -24.95 -5.45
CA ASP A 78 15.26 -23.92 -4.90
C ASP A 78 14.97 -23.69 -3.43
N LEU A 79 15.99 -23.36 -2.66
CA LEU A 79 15.74 -22.88 -1.31
C LEU A 79 15.95 -21.35 -1.20
N LEU A 80 15.46 -20.75 -0.12
CA LEU A 80 15.51 -19.30 0.03
C LEU A 80 16.33 -18.81 1.20
N PHE A 81 17.34 -17.96 0.97
CA PHE A 81 18.07 -17.35 2.08
C PHE A 81 17.64 -15.91 2.34
N ILE A 82 17.39 -15.59 3.60
CA ILE A 82 16.90 -14.27 3.96
C ILE A 82 17.73 -13.71 5.09
N LEU A 83 18.30 -12.54 4.90
CA LEU A 83 18.98 -11.91 5.98
C LEU A 83 18.33 -10.56 6.35
N THR A 84 17.89 -10.49 7.59
CA THR A 84 17.33 -9.30 8.20
C THR A 84 18.36 -8.19 8.54
N ALA A 85 17.95 -6.93 8.48
CA ALA A 85 18.79 -5.78 8.91
C ALA A 85 19.23 -5.85 10.37
N LYS A 86 18.41 -6.41 11.25
CA LYS A 86 18.82 -6.70 12.62
C LYS A 86 19.61 -8.03 12.70
N TYR A 87 20.09 -8.52 11.56
CA TYR A 87 20.96 -9.75 11.47
C TYR A 87 20.35 -11.12 11.79
N ASN A 88 19.02 -11.23 11.67
CA ASN A 88 18.38 -12.53 11.67
C ASN A 88 18.61 -13.23 10.34
N ALA A 89 19.29 -14.38 10.36
CA ALA A 89 19.41 -15.24 9.18
C ALA A 89 18.37 -16.34 9.22
N CYS A 90 18.14 -16.95 8.06
CA CYS A 90 17.26 -18.12 7.93
C CYS A 90 17.31 -18.63 6.51
N ILE A 91 17.01 -19.92 6.34
CA ILE A 91 16.84 -20.57 5.05
C ILE A 91 15.44 -21.13 5.04
N LEU A 92 14.68 -20.82 4.00
CA LEU A 92 13.26 -21.20 3.99
C LEU A 92 12.90 -22.14 2.85
N GLU A 93 11.87 -22.95 3.11
CA GLU A 93 11.34 -23.87 2.10
C GLU A 93 9.84 -23.64 1.85
N TYR A 94 9.45 -23.78 0.59
CA TYR A 94 8.06 -23.62 0.19
C TYR A 94 7.37 -24.98 0.19
N LYS A 95 6.58 -25.26 1.23
CA LYS A 95 5.86 -26.54 1.29
C LYS A 95 4.38 -26.32 0.99
N GLN A 96 3.94 -26.84 -0.17
CA GLN A 96 2.52 -26.73 -0.60
C GLN A 96 1.69 -27.98 -0.23
N SER A 97 2.15 -28.72 0.78
CA SER A 97 1.60 -30.02 1.20
C SER A 97 0.11 -30.27 0.89
N GLY A 98 -0.77 -29.48 1.50
CA GLY A 98 -2.20 -29.66 1.31
C GLY A 98 -2.79 -28.77 0.23
N GLU A 99 -3.92 -28.16 0.56
CA GLU A 99 -4.51 -27.10 -0.25
C GLU A 99 -4.16 -25.79 0.44
N SER A 100 -3.37 -25.88 1.51
CA SER A 100 -2.80 -24.72 2.18
C SER A 100 -1.29 -24.70 1.94
N ILE A 101 -0.68 -23.54 2.13
CA ILE A 101 0.74 -23.33 1.79
C ILE A 101 1.57 -22.85 2.98
N ASP A 102 2.74 -23.44 3.18
CA ASP A 102 3.57 -23.02 4.30
C ASP A 102 5.05 -22.76 3.99
N ILE A 103 5.65 -21.87 4.79
CA ILE A 103 7.08 -21.53 4.69
C ILE A 103 7.85 -22.02 5.90
N ILE A 104 8.55 -23.13 5.70
CA ILE A 104 9.23 -23.85 6.77
C ILE A 104 10.65 -23.30 6.96
N THR A 105 11.08 -23.24 8.21
CA THR A 105 12.42 -22.79 8.54
C THR A 105 13.36 -23.96 8.63
N ARG A 106 14.09 -24.21 7.54
CA ARG A 106 15.06 -25.30 7.47
C ARG A 106 16.27 -25.03 8.34
N ALA A 107 16.54 -23.74 8.55
CA ALA A 107 17.59 -23.33 9.48
C ALA A 107 17.38 -21.87 9.84
N HIS A 108 18.20 -21.37 10.76
CA HIS A 108 18.10 -19.99 11.22
C HIS A 108 18.98 -19.76 12.44
N GLY A 109 19.39 -18.49 12.58
CA GLY A 109 20.22 -17.99 13.66
C GLY A 109 20.57 -16.52 13.45
N ASN A 110 20.94 -15.85 14.53
CA ASN A 110 21.34 -14.47 14.46
C ASN A 110 22.87 -14.26 14.24
N VAL A 111 23.21 -13.57 13.15
CA VAL A 111 24.63 -13.47 12.73
C VAL A 111 25.31 -12.13 13.08
N GLN A 112 24.61 -11.33 13.89
CA GLN A 112 25.20 -10.14 14.48
C GLN A 112 26.59 -10.42 15.07
N ASP A 113 27.50 -9.44 14.99
CA ASP A 113 28.77 -9.54 15.69
C ASP A 113 28.96 -8.42 16.69
N ARG A 114 29.34 -8.79 17.91
CA ARG A 114 29.59 -7.83 18.99
C ARG A 114 30.59 -6.77 18.56
N ILE A 115 31.56 -7.17 17.74
CA ILE A 115 32.51 -6.21 17.15
C ILE A 115 32.02 -5.66 15.80
N GLY A 116 32.74 -4.69 15.28
CA GLY A 116 32.56 -4.27 13.88
C GLY A 116 31.56 -3.18 13.57
N ARG A 117 32.02 -2.24 12.77
CA ARG A 117 31.20 -1.13 12.26
C ARG A 117 30.49 -1.50 10.94
N PRO A 118 29.12 -1.34 10.89
CA PRO A 118 28.28 -1.58 9.68
C PRO A 118 28.90 -0.85 8.51
N SER A 119 29.19 -1.59 7.45
CA SER A 119 30.02 -1.07 6.40
C SER A 119 29.28 0.01 5.60
N GLU A 120 30.04 0.86 4.92
CA GLU A 120 29.45 1.74 3.93
C GLU A 120 29.26 0.94 2.65
N THR A 121 28.09 1.11 2.05
CA THR A 121 27.49 0.25 0.99
C THR A 121 26.66 -0.89 1.57
N GLY A 122 26.70 -1.04 2.89
CA GLY A 122 25.72 -1.84 3.62
C GLY A 122 25.94 -3.34 3.64
N ILE A 123 24.99 -4.05 4.22
CA ILE A 123 25.00 -5.50 4.18
C ILE A 123 25.01 -6.01 2.75
N ILE A 124 26.00 -6.85 2.42
CA ILE A 124 25.95 -7.64 1.20
C ILE A 124 25.93 -9.12 1.58
N GLY A 125 25.12 -9.90 0.87
CA GLY A 125 25.06 -11.34 1.11
C GLY A 125 25.20 -12.05 -0.22
N ILE A 126 25.92 -13.16 -0.28
CA ILE A 126 26.21 -13.78 -1.56
C ILE A 126 26.34 -15.29 -1.40
N ILE A 127 26.09 -16.02 -2.47
CA ILE A 127 26.17 -17.48 -2.38
C ILE A 127 26.97 -18.02 -3.53
N ASP A 128 27.97 -18.83 -3.18
CA ASP A 128 28.88 -19.51 -4.11
C ASP A 128 28.11 -20.41 -5.10
N PRO A 129 28.57 -20.47 -6.36
CA PRO A 129 27.92 -21.29 -7.37
C PRO A 129 27.80 -22.75 -6.94
N GLU A 130 28.86 -23.34 -6.41
CA GLU A 130 28.85 -24.71 -5.86
C GLU A 130 27.87 -24.92 -4.69
N CYS A 131 27.17 -23.88 -4.27
CA CYS A 131 26.38 -23.93 -3.02
C CYS A 131 27.19 -24.37 -1.79
N ARG A 132 28.51 -24.23 -1.84
CA ARG A 132 29.34 -24.65 -0.72
C ARG A 132 29.12 -23.77 0.51
N MET A 133 29.00 -22.45 0.33
CA MET A 133 28.87 -21.55 1.48
C MET A 133 28.11 -20.26 1.19
N ILE A 134 27.86 -19.53 2.26
CA ILE A 134 27.23 -18.23 2.19
C ILE A 134 28.22 -17.17 2.67
N GLY A 135 28.54 -16.20 1.83
CA GLY A 135 29.42 -15.14 2.25
C GLY A 135 28.64 -13.92 2.67
N LEU A 136 29.01 -13.32 3.80
CA LEU A 136 28.36 -12.11 4.31
C LEU A 136 29.37 -11.01 4.52
N ARG A 137 29.09 -9.81 4.03
CA ARG A 137 29.90 -8.68 4.38
C ARG A 137 29.04 -7.71 5.19
N LEU A 138 29.14 -7.80 6.52
CA LEU A 138 28.33 -7.01 7.42
C LEU A 138 29.08 -5.80 7.96
N TYR A 139 30.32 -6.02 8.35
CA TYR A 139 31.08 -5.02 9.06
C TYR A 139 32.37 -4.81 8.34
N ASP A 140 32.90 -3.60 8.36
CA ASP A 140 34.21 -3.32 7.78
C ASP A 140 35.29 -4.19 8.40
N GLY A 141 36.22 -4.65 7.57
CA GLY A 141 37.34 -5.47 8.00
C GLY A 141 37.01 -6.89 8.42
N LEU A 142 35.85 -7.41 8.04
CA LEU A 142 35.45 -8.74 8.46
C LEU A 142 34.54 -9.45 7.41
N PHE A 143 34.80 -10.73 7.15
CA PHE A 143 34.01 -11.46 6.16
C PHE A 143 33.47 -12.72 6.82
N LYS A 144 32.16 -12.77 7.03
CA LYS A 144 31.60 -13.90 7.75
C LYS A 144 31.24 -15.04 6.81
N VAL A 145 31.77 -16.23 7.07
CA VAL A 145 31.46 -17.39 6.26
C VAL A 145 30.53 -18.34 7.00
N ILE A 146 29.41 -18.70 6.37
CA ILE A 146 28.52 -19.74 6.87
C ILE A 146 28.67 -20.98 6.01
N PRO A 147 29.21 -22.07 6.57
CA PRO A 147 29.32 -23.31 5.79
C PRO A 147 27.96 -23.97 5.57
N LEU A 148 27.74 -24.43 4.34
CA LEU A 148 26.50 -25.10 3.92
C LEU A 148 26.63 -26.63 3.81
N ASP A 149 26.11 -27.34 4.80
CA ASP A 149 26.00 -28.80 4.75
C ASP A 149 24.65 -29.21 5.35
N ARG A 150 24.34 -30.50 5.36
CA ARG A 150 23.01 -30.95 5.77
C ARG A 150 22.71 -30.58 7.23
N ASP A 151 23.76 -30.39 8.02
CA ASP A 151 23.62 -29.88 9.37
C ASP A 151 23.83 -28.38 9.37
N ASN A 152 24.07 -27.81 10.55
CA ASN A 152 24.25 -26.37 10.70
C ASN A 152 22.91 -25.63 10.60
N LYS A 153 21.87 -26.28 11.10
CA LYS A 153 20.52 -25.70 11.16
C LYS A 153 20.47 -24.49 12.09
N GLU A 154 21.62 -24.09 12.63
CA GLU A 154 21.71 -22.85 13.40
C GLU A 154 22.59 -21.78 12.72
N LEU A 155 23.22 -22.17 11.61
CA LEU A 155 24.15 -21.32 10.87
C LEU A 155 25.20 -20.68 11.79
N LYS A 156 25.83 -21.53 12.59
CA LYS A 156 27.09 -21.17 13.20
C LYS A 156 27.95 -20.81 12.01
N ALA A 157 28.68 -19.70 12.14
CA ALA A 157 29.52 -19.19 11.06
C ALA A 157 30.86 -18.78 11.62
N PHE A 158 31.75 -18.32 10.78
CA PHE A 158 32.99 -17.82 11.30
C PHE A 158 33.35 -16.55 10.56
N ASN A 159 34.09 -15.67 11.21
CA ASN A 159 34.58 -14.50 10.55
C ASN A 159 35.98 -14.83 10.02
N ILE A 160 36.44 -14.08 9.03
CA ILE A 160 37.83 -14.08 8.61
C ILE A 160 38.24 -12.63 8.52
N ARG A 161 39.41 -12.28 9.05
CA ARG A 161 39.83 -10.90 8.92
C ARG A 161 39.88 -10.55 7.44
N LEU A 162 39.32 -9.41 7.09
CA LEU A 162 39.47 -8.88 5.72
C LEU A 162 40.47 -7.74 5.77
N GLU A 163 41.65 -7.98 5.22
CA GLU A 163 42.72 -6.99 5.29
C GLU A 163 42.26 -5.62 4.74
N GLU A 164 41.33 -5.67 3.78
CA GLU A 164 40.79 -4.49 3.07
C GLU A 164 39.63 -3.77 3.76
N LEU A 165 40.06 -2.72 4.46
CA LEU A 165 39.27 -1.71 5.16
C LEU A 165 37.84 -1.39 4.66
N HIS A 166 37.66 -1.27 3.33
CA HIS A 166 36.52 -0.55 2.70
C HIS A 166 36.09 -1.20 1.33
N VAL A 167 35.36 -2.29 1.41
CA VAL A 167 34.92 -3.01 0.24
C VAL A 167 33.70 -2.35 -0.42
N ILE A 168 33.75 -2.16 -1.74
CA ILE A 168 32.61 -1.57 -2.44
C ILE A 168 31.50 -2.56 -2.81
N ASP A 169 31.87 -3.69 -3.44
CA ASP A 169 30.93 -4.76 -3.86
C ASP A 169 31.70 -6.10 -3.88
N VAL A 170 31.00 -7.23 -3.72
CA VAL A 170 31.62 -8.59 -3.74
C VAL A 170 30.74 -9.65 -4.41
N LYS A 171 31.31 -10.49 -5.27
CA LYS A 171 30.61 -11.75 -5.66
C LYS A 171 31.57 -12.93 -5.67
N PHE A 172 31.07 -14.15 -5.43
CA PHE A 172 31.85 -15.35 -5.76
C PHE A 172 31.96 -15.54 -7.28
N LEU A 173 33.18 -15.78 -7.77
CA LEU A 173 33.39 -16.05 -9.20
C LEU A 173 32.91 -17.44 -9.61
N TYR A 174 32.40 -17.56 -10.84
CA TYR A 174 31.96 -18.84 -11.36
C TYR A 174 33.14 -19.68 -11.86
N GLY A 175 32.95 -21.00 -11.83
CA GLY A 175 33.91 -21.95 -12.39
C GLY A 175 35.24 -22.01 -11.67
N CYS A 176 35.19 -21.97 -10.34
CA CYS A 176 36.39 -21.99 -9.52
C CYS A 176 36.57 -23.30 -8.75
N GLN A 177 37.80 -23.81 -8.75
CA GLN A 177 38.08 -25.10 -8.12
C GLN A 177 38.16 -24.98 -6.61
N ALA A 178 37.53 -23.93 -6.10
CA ALA A 178 37.37 -23.64 -4.69
C ALA A 178 36.73 -22.25 -4.63
N PRO A 179 35.85 -22.03 -3.64
CA PRO A 179 35.18 -20.74 -3.57
C PRO A 179 36.21 -19.62 -3.65
N THR A 180 36.00 -18.70 -4.59
CA THR A 180 36.90 -17.59 -4.81
C THR A 180 36.06 -16.33 -4.80
N ILE A 181 36.56 -15.36 -4.05
CA ILE A 181 35.84 -14.12 -3.91
C ILE A 181 36.39 -13.07 -4.86
N CYS A 182 35.50 -12.23 -5.37
CA CYS A 182 35.92 -11.11 -6.19
C CYS A 182 35.32 -9.79 -5.72
N PHE A 183 36.18 -8.78 -5.59
CA PHE A 183 35.75 -7.52 -4.98
C PHE A 183 36.52 -6.22 -5.36
N VAL A 184 35.77 -5.13 -5.42
CA VAL A 184 36.32 -3.83 -5.62
C VAL A 184 36.44 -3.23 -4.24
N TYR A 185 37.61 -2.73 -3.89
CA TYR A 185 37.72 -2.03 -2.64
C TYR A 185 38.39 -0.71 -2.82
N GLN A 186 38.34 0.11 -1.78
CA GLN A 186 38.95 1.42 -1.80
C GLN A 186 40.05 1.56 -0.74
N ASP A 187 41.18 2.10 -1.19
CA ASP A 187 42.25 2.60 -0.35
C ASP A 187 42.73 3.88 -1.05
N PRO A 188 43.52 4.73 -0.36
CA PRO A 188 44.04 5.84 -1.17
C PRO A 188 44.77 5.21 -2.33
N GLN A 189 44.77 5.87 -3.49
CA GLN A 189 45.34 5.29 -4.73
C GLN A 189 44.19 4.85 -5.65
N GLY A 190 42.97 5.09 -5.19
CA GLY A 190 41.78 4.74 -5.92
C GLY A 190 41.29 3.35 -5.59
N ARG A 191 40.54 2.77 -6.51
CA ARG A 191 39.93 1.48 -6.27
C ARG A 191 40.63 0.42 -7.05
N HIS A 192 40.45 -0.82 -6.63
CA HIS A 192 41.15 -1.97 -7.19
C HIS A 192 40.20 -3.15 -7.14
N VAL A 193 40.50 -4.20 -7.92
CA VAL A 193 39.73 -5.44 -7.89
C VAL A 193 40.68 -6.58 -7.51
N LYS A 194 40.21 -7.44 -6.61
CA LYS A 194 41.07 -8.43 -6.00
C LYS A 194 40.35 -9.77 -5.86
N THR A 195 41.13 -10.82 -5.63
CA THR A 195 40.57 -12.17 -5.43
C THR A 195 41.04 -12.82 -4.13
N TYR A 196 40.21 -13.67 -3.55
CA TYR A 196 40.64 -14.51 -2.43
C TYR A 196 39.94 -15.82 -2.57
N GLU A 197 40.67 -16.91 -2.44
CA GLU A 197 40.02 -18.21 -2.35
C GLU A 197 39.46 -18.35 -0.91
N VAL A 198 38.32 -18.97 -0.73
CA VAL A 198 37.88 -19.22 0.64
C VAL A 198 38.19 -20.64 1.05
N SER A 199 39.18 -20.78 1.94
CA SER A 199 39.53 -22.06 2.56
C SER A 199 38.77 -22.18 3.84
N LEU A 200 37.61 -22.83 3.75
CA LEU A 200 36.77 -23.04 4.93
C LEU A 200 37.32 -24.17 5.77
N ARG A 201 38.11 -25.04 5.12
CA ARG A 201 38.84 -26.09 5.82
C ARG A 201 39.57 -25.55 7.07
N GLU A 202 40.33 -24.47 6.88
CA GLU A 202 41.14 -23.88 7.94
C GLU A 202 40.78 -22.40 8.21
N LYS A 203 39.68 -21.94 7.64
CA LYS A 203 39.15 -20.59 7.90
C LYS A 203 40.04 -19.38 7.52
N GLU A 204 40.93 -19.52 6.52
CA GLU A 204 41.77 -18.37 6.03
C GLU A 204 41.23 -17.83 4.68
N PHE A 205 42.11 -17.22 3.89
CA PHE A 205 41.78 -16.73 2.53
C PHE A 205 42.72 -17.26 1.45
N ASN A 206 43.94 -17.60 1.83
CA ASN A 206 44.96 -18.01 0.87
C ASN A 206 45.29 -16.88 -0.12
N LYS A 207 45.65 -17.26 -1.34
CA LYS A 207 45.87 -16.28 -2.39
C LYS A 207 44.62 -16.29 -3.29
N GLY A 208 44.57 -15.39 -4.26
CA GLY A 208 43.52 -15.40 -5.26
C GLY A 208 44.00 -16.05 -6.55
N PRO A 209 43.07 -16.43 -7.45
CA PRO A 209 43.43 -17.01 -8.73
C PRO A 209 43.83 -15.96 -9.76
N TRP A 210 43.92 -14.69 -9.37
CA TRP A 210 44.49 -13.69 -10.25
C TRP A 210 44.72 -12.33 -9.66
N LYS A 211 45.92 -11.81 -9.93
CA LYS A 211 46.44 -10.51 -9.49
C LYS A 211 45.43 -9.37 -9.28
N GLN A 212 45.78 -8.48 -8.36
CA GLN A 212 45.05 -7.25 -8.14
C GLN A 212 45.18 -6.34 -9.35
N GLU A 213 44.10 -5.64 -9.71
CA GLU A 213 44.13 -4.69 -10.83
C GLU A 213 43.38 -3.44 -10.43
N ASN A 214 43.81 -2.31 -10.98
CA ASN A 214 43.14 -1.03 -10.74
C ASN A 214 41.84 -0.91 -11.50
N VAL A 215 40.88 -0.24 -10.91
CA VAL A 215 39.64 0.03 -11.59
C VAL A 215 39.29 1.48 -11.41
N GLU A 216 38.33 1.92 -12.22
CA GLU A 216 37.83 3.28 -12.20
C GLU A 216 37.50 3.83 -10.80
N ALA A 217 37.78 5.11 -10.62
CA ALA A 217 37.40 5.82 -9.38
C ALA A 217 35.95 5.51 -8.90
N GLU A 218 34.99 5.45 -9.83
CA GLU A 218 33.58 5.24 -9.46
C GLU A 218 33.05 3.83 -9.72
N ALA A 219 33.94 2.87 -9.96
CA ALA A 219 33.56 1.48 -10.13
C ALA A 219 32.71 1.07 -8.97
N SER A 220 31.55 0.48 -9.21
CA SER A 220 30.76 0.06 -8.08
C SER A 220 29.93 -1.23 -8.16
N MET A 221 29.87 -1.91 -9.30
CA MET A 221 29.09 -3.15 -9.39
C MET A 221 30.01 -4.27 -9.86
N VAL A 222 29.99 -5.41 -9.17
CA VAL A 222 30.71 -6.58 -9.64
C VAL A 222 29.66 -7.55 -10.13
N ILE A 223 29.86 -8.10 -11.33
CA ILE A 223 29.01 -9.20 -11.82
C ILE A 223 29.89 -10.39 -12.12
N ALA A 224 29.49 -11.53 -11.58
CA ALA A 224 30.16 -12.79 -11.86
C ALA A 224 29.47 -13.47 -13.04
N VAL A 225 30.22 -13.56 -14.12
CA VAL A 225 29.76 -14.15 -15.35
C VAL A 225 29.92 -15.68 -15.27
N PRO A 226 28.88 -16.42 -15.72
CA PRO A 226 28.86 -17.86 -15.57
C PRO A 226 29.81 -18.66 -16.51
N GLU A 227 29.85 -19.96 -16.27
CA GLU A 227 30.90 -20.88 -16.73
C GLU A 227 31.40 -20.80 -18.17
N PRO A 228 30.51 -20.60 -19.15
CA PRO A 228 31.04 -20.57 -20.53
C PRO A 228 32.07 -19.48 -20.70
N PHE A 229 31.97 -18.45 -19.85
CA PHE A 229 32.85 -17.29 -19.92
C PHE A 229 33.74 -17.14 -18.69
N GLY A 230 33.13 -17.12 -17.51
CA GLY A 230 33.88 -16.86 -16.27
C GLY A 230 34.30 -15.41 -16.12
N GLY A 231 35.18 -15.14 -15.16
CA GLY A 231 35.60 -13.78 -14.85
C GLY A 231 34.48 -12.87 -14.37
N ALA A 232 34.79 -11.58 -14.29
CA ALA A 232 33.88 -10.62 -13.72
C ALA A 232 33.65 -9.45 -14.63
N ILE A 233 32.46 -8.87 -14.54
CA ILE A 233 32.27 -7.53 -15.12
C ILE A 233 32.25 -6.52 -14.00
N ILE A 234 32.96 -5.43 -14.22
CA ILE A 234 32.91 -4.32 -13.28
C ILE A 234 32.30 -3.04 -13.88
N ILE A 235 31.09 -2.72 -13.45
CA ILE A 235 30.43 -1.51 -13.97
C ILE A 235 30.82 -0.27 -13.19
N GLY A 236 31.24 0.76 -13.88
CA GLY A 236 31.66 2.02 -13.26
C GLY A 236 30.91 3.24 -13.78
N GLN A 237 31.45 4.43 -13.56
CA GLN A 237 31.02 5.60 -14.32
C GLN A 237 31.78 5.64 -15.64
N GLU A 238 31.16 6.14 -16.67
CA GLU A 238 31.81 6.25 -18.00
C GLU A 238 32.63 5.07 -18.56
N SER A 239 32.83 3.99 -17.79
CA SER A 239 33.54 2.81 -18.30
C SER A 239 32.97 1.49 -17.77
N ILE A 240 32.89 0.45 -18.62
CA ILE A 240 32.57 -0.95 -18.23
C ILE A 240 33.68 -1.90 -18.71
N THR A 241 34.13 -2.81 -17.83
CA THR A 241 35.26 -3.67 -18.16
C THR A 241 35.06 -5.10 -17.71
N TYR A 242 35.63 -6.01 -18.50
CA TYR A 242 35.64 -7.43 -18.20
C TYR A 242 37.01 -7.81 -17.70
N HIS A 243 37.02 -8.66 -16.67
CA HIS A 243 38.27 -9.12 -16.05
C HIS A 243 38.27 -10.62 -15.93
N ASN A 244 39.42 -11.24 -16.20
CA ASN A 244 39.53 -12.68 -16.07
C ASN A 244 40.93 -13.19 -16.29
N GLY A 245 41.59 -13.56 -15.20
CA GLY A 245 42.98 -13.96 -15.27
C GLY A 245 43.75 -12.83 -15.93
N ASP A 246 44.50 -13.16 -16.98
CA ASP A 246 45.27 -12.15 -17.70
C ASP A 246 44.44 -11.44 -18.79
N LYS A 247 43.29 -12.01 -19.13
CA LYS A 247 42.36 -11.38 -20.08
C LYS A 247 41.68 -10.09 -19.53
N TYR A 248 41.73 -9.02 -20.32
CA TYR A 248 41.16 -7.73 -19.92
C TYR A 248 40.49 -7.04 -21.08
N LEU A 249 39.21 -6.71 -20.90
CA LEU A 249 38.50 -5.91 -21.88
C LEU A 249 37.84 -4.72 -21.26
N ALA A 250 37.69 -3.67 -22.04
CA ALA A 250 37.19 -2.39 -21.54
C ALA A 250 36.44 -1.61 -22.61
N ILE A 251 35.35 -0.95 -22.21
CA ILE A 251 34.66 0.03 -23.05
C ILE A 251 34.32 1.30 -22.27
N ALA A 252 34.23 2.40 -23.02
CA ALA A 252 33.91 3.70 -22.47
C ALA A 252 32.81 4.33 -23.30
N PRO A 253 31.63 3.70 -23.37
CA PRO A 253 30.60 4.23 -24.25
C PRO A 253 30.02 5.53 -23.71
N PRO A 254 29.99 6.58 -24.54
CA PRO A 254 29.56 7.85 -23.99
C PRO A 254 28.16 7.84 -23.35
N ILE A 255 27.24 7.01 -23.84
CA ILE A 255 25.85 7.05 -23.34
C ILE A 255 25.76 6.90 -21.82
N ILE A 256 26.51 5.94 -21.31
CA ILE A 256 26.67 5.65 -19.88
C ILE A 256 27.10 6.86 -19.06
N LYS A 257 27.81 7.79 -19.68
CA LYS A 257 28.52 8.84 -18.94
C LYS A 257 27.63 9.71 -18.07
N GLN A 258 26.35 9.84 -18.41
CA GLN A 258 25.45 10.61 -17.58
C GLN A 258 25.05 9.62 -16.47
N SER A 259 23.82 9.72 -15.95
CA SER A 259 23.34 8.81 -14.90
C SER A 259 24.18 7.58 -14.53
N THR A 260 24.45 7.41 -13.23
CA THR A 260 25.04 6.18 -12.69
C THR A 260 24.13 4.99 -12.86
N ILE A 261 24.76 3.87 -13.21
CA ILE A 261 24.10 2.61 -13.33
C ILE A 261 23.94 2.03 -11.92
N VAL A 262 22.68 1.77 -11.56
CA VAL A 262 22.30 1.34 -10.20
C VAL A 262 21.96 -0.16 -10.06
N CYS A 263 21.45 -0.80 -11.12
CA CYS A 263 21.20 -2.26 -11.04
C CYS A 263 21.40 -3.06 -12.33
N HIS A 264 21.45 -4.38 -12.18
CA HIS A 264 21.62 -5.33 -13.30
C HIS A 264 20.87 -6.65 -13.14
N ASN A 265 20.73 -7.37 -14.24
CA ASN A 265 20.09 -8.67 -14.21
C ASN A 265 20.60 -9.47 -15.39
N ARG A 266 20.67 -10.80 -15.20
CA ARG A 266 21.13 -11.70 -16.26
C ARG A 266 19.94 -12.29 -16.98
N VAL A 267 19.94 -12.08 -18.30
CA VAL A 267 18.87 -12.43 -19.23
C VAL A 267 18.98 -13.88 -19.70
N ASP A 268 20.15 -14.17 -20.27
CA ASP A 268 20.47 -15.45 -20.84
C ASP A 268 21.44 -16.11 -19.89
N PRO A 269 21.11 -17.30 -19.37
CA PRO A 269 22.00 -18.08 -18.48
C PRO A 269 23.44 -18.24 -18.97
N ASN A 270 23.70 -18.04 -20.25
CA ASN A 270 25.08 -17.94 -20.79
C ASN A 270 25.83 -16.73 -20.23
N GLY A 271 25.08 -15.73 -19.77
CA GLY A 271 25.64 -14.43 -19.43
C GLY A 271 26.16 -13.78 -20.69
N SER A 272 25.46 -14.02 -21.79
CA SER A 272 25.80 -13.39 -23.04
C SER A 272 25.05 -12.08 -23.11
N ARG A 273 24.07 -11.95 -22.22
CA ARG A 273 23.22 -10.76 -22.17
C ARG A 273 22.74 -10.37 -20.76
N TYR A 274 22.98 -9.10 -20.40
CA TYR A 274 22.55 -8.48 -19.14
C TYR A 274 21.76 -7.22 -19.38
N LEU A 275 20.74 -7.02 -18.56
CA LEU A 275 20.02 -5.76 -18.46
C LEU A 275 20.72 -4.87 -17.41
N LEU A 276 20.91 -3.60 -17.73
CA LEU A 276 21.43 -2.57 -16.79
C LEU A 276 20.40 -1.47 -16.62
N GLY A 277 20.24 -0.98 -15.38
CA GLY A 277 19.37 0.19 -15.08
C GLY A 277 20.05 1.40 -14.44
N ASP A 278 19.77 2.57 -15.02
CA ASP A 278 20.12 3.98 -14.58
C ASP A 278 19.35 4.61 -13.41
N MET A 279 19.90 5.69 -12.86
CA MET A 279 19.15 6.58 -11.97
C MET A 279 18.09 7.35 -12.73
N GLU A 280 18.32 7.55 -14.02
CA GLU A 280 17.38 8.25 -14.87
C GLU A 280 16.38 7.26 -15.48
N GLY A 281 16.47 6.00 -15.07
CA GLY A 281 15.57 4.97 -15.59
C GLY A 281 15.79 4.60 -17.05
N ARG A 282 16.96 4.90 -17.61
CA ARG A 282 17.23 4.49 -18.98
C ARG A 282 17.55 3.00 -18.77
N LEU A 283 17.17 2.12 -19.69
CA LEU A 283 17.43 0.70 -19.51
C LEU A 283 18.41 0.32 -20.59
N PHE A 284 19.36 -0.54 -20.28
CA PHE A 284 20.38 -0.90 -21.26
C PHE A 284 20.49 -2.39 -21.39
N MET A 285 20.87 -2.84 -22.58
CA MET A 285 21.20 -4.22 -22.82
C MET A 285 22.70 -4.30 -22.84
N LEU A 286 23.27 -5.19 -22.05
CA LEU A 286 24.68 -5.41 -22.15
C LEU A 286 24.91 -6.76 -22.82
N LEU A 287 25.58 -6.73 -23.97
CA LEU A 287 25.84 -7.94 -24.77
C LEU A 287 27.30 -8.32 -24.76
N LEU A 288 27.56 -9.59 -24.49
CA LEU A 288 28.91 -10.12 -24.53
C LEU A 288 29.08 -10.97 -25.80
N GLU A 289 30.13 -10.70 -26.58
CA GLU A 289 30.34 -11.43 -27.85
C GLU A 289 31.25 -12.68 -27.72
N LYS A 290 30.67 -13.86 -27.98
CA LYS A 290 31.37 -15.16 -27.90
C LYS A 290 32.14 -15.43 -29.18
N GLU A 291 33.42 -15.78 -29.05
CA GLU A 291 34.23 -16.19 -30.21
C GLU A 291 34.74 -17.63 -30.09
N GLU A 292 34.00 -18.54 -30.72
CA GLU A 292 34.34 -19.96 -30.77
C GLU A 292 35.62 -20.17 -31.56
N GLN A 293 36.35 -21.24 -31.23
CA GLN A 293 37.67 -21.47 -31.83
C GLN A 293 36.92 -22.46 -32.71
N MET A 294 37.42 -23.71 -32.78
CA MET A 294 36.91 -24.75 -33.68
C MET A 294 37.91 -25.33 -32.68
N ASP A 295 37.42 -26.24 -31.84
CA ASP A 295 38.21 -26.84 -30.76
C ASP A 295 38.79 -26.24 -29.48
N GLY A 296 39.04 -24.93 -29.49
CA GLY A 296 39.55 -24.23 -28.31
C GLY A 296 38.48 -23.60 -27.43
N THR A 297 37.23 -24.06 -27.60
CA THR A 297 36.04 -23.56 -26.88
C THR A 297 35.77 -22.08 -27.15
N VAL A 298 35.03 -21.44 -26.23
CA VAL A 298 34.44 -20.11 -26.45
C VAL A 298 35.16 -19.03 -25.64
N THR A 299 35.50 -17.92 -26.31
CA THR A 299 36.19 -16.80 -25.66
C THR A 299 35.40 -15.47 -25.85
N LEU A 300 35.78 -14.43 -25.12
CA LEU A 300 35.03 -13.18 -25.20
C LEU A 300 35.66 -12.13 -26.15
N LYS A 301 35.03 -11.87 -27.29
CA LYS A 301 35.66 -10.97 -28.25
C LYS A 301 35.49 -9.50 -27.89
N ASP A 302 34.28 -9.14 -27.46
CA ASP A 302 33.98 -7.77 -27.10
C ASP A 302 32.75 -7.62 -26.21
N LEU A 303 32.55 -6.40 -25.71
CA LEU A 303 31.36 -5.98 -24.98
C LEU A 303 30.71 -4.86 -25.75
N ARG A 304 29.39 -4.76 -25.61
CA ARG A 304 28.58 -3.79 -26.31
C ARG A 304 27.30 -3.48 -25.47
N VAL A 305 26.86 -2.23 -25.54
CA VAL A 305 25.74 -1.75 -24.77
C VAL A 305 24.78 -1.12 -25.78
N GLU A 306 23.48 -1.34 -25.65
CA GLU A 306 22.55 -0.62 -26.50
C GLU A 306 21.41 -0.12 -25.65
N LEU A 307 21.04 1.15 -25.84
CA LEU A 307 19.93 1.76 -25.09
C LEU A 307 18.57 1.29 -25.59
N LEU A 308 17.90 0.50 -24.77
CA LEU A 308 16.62 -0.02 -25.20
C LEU A 308 15.49 0.99 -24.97
N GLY A 309 15.66 1.87 -24.00
CA GLY A 309 14.59 2.85 -23.73
C GLY A 309 14.55 3.26 -22.28
N GLU A 310 13.35 3.44 -21.74
CA GLU A 310 13.28 3.88 -20.36
C GLU A 310 12.16 3.26 -19.54
N THR A 311 12.52 2.73 -18.39
CA THR A 311 11.54 2.02 -17.63
C THR A 311 10.93 3.01 -16.70
N SER A 312 11.06 2.80 -15.39
CA SER A 312 10.89 3.94 -14.47
C SER A 312 12.02 3.59 -13.47
N ILE A 313 12.40 4.53 -12.63
CA ILE A 313 13.60 4.30 -11.85
C ILE A 313 13.59 3.03 -11.01
N ALA A 314 14.56 2.16 -11.25
CA ALA A 314 14.48 0.76 -10.76
C ALA A 314 15.34 0.49 -9.56
N GLU A 315 14.81 -0.15 -8.53
CA GLU A 315 15.70 -0.73 -7.54
C GLU A 315 16.17 -2.07 -8.07
N CYS A 316 15.35 -2.60 -8.97
CA CYS A 316 15.15 -4.00 -9.11
C CYS A 316 14.80 -4.28 -10.56
N LEU A 317 15.57 -5.16 -11.18
CA LEU A 317 15.28 -5.57 -12.54
C LEU A 317 15.32 -7.10 -12.70
N THR A 318 14.26 -7.69 -13.19
CA THR A 318 14.21 -9.16 -13.35
C THR A 318 13.69 -9.63 -14.72
N TYR A 319 14.60 -10.11 -15.56
CA TYR A 319 14.19 -10.81 -16.76
C TYR A 319 13.31 -12.01 -16.39
N LEU A 320 12.12 -12.05 -16.98
CA LEU A 320 11.20 -13.16 -16.78
C LEU A 320 11.26 -14.10 -18.00
N ASP A 321 10.16 -14.18 -18.73
CA ASP A 321 10.16 -15.04 -19.89
C ASP A 321 9.76 -14.26 -21.13
N ASN A 322 10.35 -14.61 -22.26
CA ASN A 322 9.84 -14.17 -23.56
C ASN A 322 9.85 -12.66 -23.72
N GLY A 323 10.94 -12.00 -23.31
CA GLY A 323 11.03 -10.53 -23.44
C GLY A 323 10.18 -9.73 -22.42
N VAL A 324 9.79 -10.39 -21.34
CA VAL A 324 9.08 -9.69 -20.31
C VAL A 324 9.97 -9.41 -19.10
N VAL A 325 9.90 -8.17 -18.64
CA VAL A 325 10.72 -7.73 -17.54
C VAL A 325 9.86 -7.17 -16.39
N PHE A 326 10.18 -7.58 -15.17
CA PHE A 326 9.56 -6.88 -14.05
C PHE A 326 10.52 -5.81 -13.60
N VAL A 327 10.05 -4.57 -13.47
CA VAL A 327 10.86 -3.44 -13.00
C VAL A 327 10.46 -3.08 -11.59
N GLY A 328 11.27 -3.46 -10.60
CA GLY A 328 10.94 -3.12 -9.20
C GLY A 328 11.42 -1.71 -8.95
N SER A 329 10.52 -0.83 -8.51
CA SER A 329 10.85 0.58 -8.37
C SER A 329 10.64 1.01 -6.94
N ARG A 330 11.52 1.88 -6.48
CA ARG A 330 11.48 2.40 -5.12
C ARG A 330 10.92 3.84 -5.17
N LEU A 331 11.34 4.62 -6.15
CA LEU A 331 10.97 6.01 -6.27
C LEU A 331 9.79 6.27 -7.17
N GLY A 332 9.35 5.24 -7.91
CA GLY A 332 8.18 5.32 -8.79
C GLY A 332 7.33 4.04 -8.82
N ASP A 333 6.28 4.01 -9.65
CA ASP A 333 5.43 2.85 -9.72
C ASP A 333 6.23 1.65 -10.24
N SER A 334 5.89 0.44 -9.79
CA SER A 334 6.60 -0.71 -10.35
C SER A 334 5.92 -1.05 -11.70
N GLN A 335 6.49 -2.00 -12.45
CA GLN A 335 5.91 -2.28 -13.75
C GLN A 335 6.43 -3.55 -14.44
N LEU A 336 5.58 -4.08 -15.30
CA LEU A 336 5.92 -5.19 -16.19
C LEU A 336 6.17 -4.57 -17.52
N VAL A 337 7.23 -4.96 -18.17
CA VAL A 337 7.59 -4.25 -19.37
C VAL A 337 8.01 -5.29 -20.42
N LYS A 338 7.51 -5.14 -21.64
CA LYS A 338 7.81 -6.05 -22.72
C LYS A 338 8.98 -5.45 -23.48
N LEU A 339 9.97 -6.28 -23.78
CA LEU A 339 11.09 -5.88 -24.60
C LEU A 339 10.89 -6.38 -26.02
N ASN A 340 11.03 -5.48 -26.98
CA ASN A 340 10.81 -5.84 -28.37
C ASN A 340 12.09 -5.88 -29.14
N VAL A 341 12.11 -6.65 -30.22
CA VAL A 341 13.27 -6.70 -31.11
C VAL A 341 13.35 -5.43 -31.91
N ASP A 342 12.25 -5.10 -32.56
CA ASP A 342 12.17 -3.87 -33.34
C ASP A 342 11.80 -2.67 -32.45
N SER A 343 12.44 -1.53 -32.68
CA SER A 343 12.15 -0.33 -31.91
C SER A 343 10.86 0.21 -32.44
N ASN A 344 9.89 0.52 -31.59
CA ASN A 344 8.61 1.07 -32.06
C ASN A 344 8.67 2.56 -32.44
N GLU A 345 7.49 3.18 -32.47
CA GLU A 345 7.33 4.63 -32.42
C GLU A 345 8.19 5.24 -31.29
N GLN A 346 8.51 6.54 -31.40
CA GLN A 346 9.39 7.19 -30.42
C GLN A 346 10.79 6.56 -30.38
N GLY A 347 10.92 5.38 -31.01
CA GLY A 347 12.20 4.69 -31.11
C GLY A 347 12.55 3.95 -29.84
N SER A 348 11.55 3.32 -29.22
CA SER A 348 11.74 2.58 -27.97
C SER A 348 11.58 1.05 -28.14
N TYR A 349 12.50 0.30 -27.52
CA TYR A 349 12.46 -1.15 -27.54
C TYR A 349 11.63 -1.67 -26.39
N VAL A 350 11.25 -0.73 -25.52
CA VAL A 350 10.56 -1.01 -24.28
C VAL A 350 9.13 -0.52 -24.35
N VAL A 351 8.20 -1.42 -24.07
CA VAL A 351 6.79 -1.10 -24.04
C VAL A 351 6.20 -1.63 -22.74
N ALA A 352 5.47 -0.78 -22.03
CA ALA A 352 4.93 -1.14 -20.73
C ALA A 352 3.66 -1.96 -20.90
N MET A 353 3.56 -3.06 -20.17
CA MET A 353 2.37 -3.88 -20.16
C MET A 353 1.56 -3.56 -18.93
N GLU A 354 2.22 -3.52 -17.77
CA GLU A 354 1.52 -3.29 -16.50
C GLU A 354 2.25 -2.31 -15.57
N THR A 355 1.47 -1.65 -14.70
CA THR A 355 1.98 -0.62 -13.79
C THR A 355 1.52 -0.86 -12.36
N PHE A 356 2.43 -0.91 -11.40
CA PHE A 356 2.00 -1.13 -10.01
C PHE A 356 2.21 0.05 -9.08
N THR A 357 1.11 0.43 -8.45
CA THR A 357 1.01 1.55 -7.56
C THR A 357 2.06 1.55 -6.47
N ASN A 358 2.93 2.55 -6.47
CA ASN A 358 3.80 2.79 -5.33
C ASN A 358 3.55 4.16 -4.76
N LEU A 359 3.16 4.24 -3.49
CA LEU A 359 3.06 5.57 -2.84
C LEU A 359 4.44 6.19 -2.62
N GLY A 360 5.45 5.56 -3.22
CA GLY A 360 6.80 6.15 -3.50
C GLY A 360 7.32 6.44 -2.16
N PRO A 361 8.39 7.25 -2.05
CA PRO A 361 8.57 7.92 -0.77
C PRO A 361 7.47 8.96 -0.57
N ILE A 362 6.65 8.78 0.46
CA ILE A 362 5.77 9.86 0.85
C ILE A 362 6.66 10.94 1.47
N VAL A 363 6.86 12.04 0.74
CA VAL A 363 7.79 13.09 1.14
C VAL A 363 7.11 14.06 2.09
N ASP A 364 5.85 14.36 1.86
CA ASP A 364 5.04 15.23 2.69
C ASP A 364 3.56 14.90 2.34
N MET A 365 2.62 15.23 3.20
CA MET A 365 1.19 14.95 2.93
C MET A 365 0.27 15.85 3.75
N CYS A 366 -1.04 15.76 3.53
CA CYS A 366 -2.02 16.37 4.42
C CYS A 366 -3.41 15.79 4.20
N VAL A 367 -4.27 15.81 5.23
CA VAL A 367 -5.65 15.27 5.11
C VAL A 367 -6.73 16.29 4.72
N VAL A 368 -7.43 16.04 3.65
CA VAL A 368 -8.51 16.94 3.31
C VAL A 368 -9.83 16.24 3.13
N ASP A 369 -10.87 16.78 3.76
CA ASP A 369 -12.26 16.39 3.45
C ASP A 369 -12.54 16.83 2.02
N LEU A 370 -12.11 16.01 1.07
CA LEU A 370 -11.99 16.45 -0.31
C LEU A 370 -13.29 16.80 -1.01
N GLU A 371 -14.23 15.85 -1.02
CA GLU A 371 -15.52 16.11 -1.62
C GLU A 371 -16.57 16.56 -0.58
N ARG A 372 -16.13 17.42 0.33
CA ARG A 372 -16.96 18.06 1.36
C ARG A 372 -17.90 17.10 2.10
N GLN A 373 -17.34 15.98 2.54
CA GLN A 373 -18.04 15.00 3.36
C GLN A 373 -17.19 14.81 4.61
N GLY A 374 -17.82 14.48 5.73
CA GLY A 374 -17.08 14.25 6.97
C GLY A 374 -16.00 13.16 6.96
N GLN A 375 -15.43 12.84 5.79
CA GLN A 375 -14.48 11.70 5.68
C GLN A 375 -13.00 11.92 6.09
N GLY A 376 -12.13 11.91 5.10
CA GLY A 376 -10.70 11.90 5.34
C GLY A 376 -10.01 11.36 4.13
N GLN A 377 -9.53 12.28 3.30
CA GLN A 377 -8.76 11.95 2.13
C GLN A 377 -7.29 12.33 2.38
N LEU A 378 -6.39 11.39 2.21
CA LEU A 378 -4.99 11.73 2.30
C LEU A 378 -4.42 12.19 0.96
N VAL A 379 -3.66 13.28 0.93
CA VAL A 379 -2.98 13.72 -0.32
C VAL A 379 -1.48 13.82 -0.11
N THR A 380 -0.71 13.09 -0.91
CA THR A 380 0.72 12.97 -0.65
C THR A 380 1.52 13.52 -1.78
N CYS A 381 2.66 14.11 -1.42
CA CYS A 381 3.76 14.36 -2.32
C CYS A 381 4.53 13.06 -2.42
N SER A 382 4.51 12.37 -3.56
CA SER A 382 5.10 11.04 -3.66
C SER A 382 6.11 10.96 -4.76
N GLY A 383 7.07 10.07 -4.61
CA GLY A 383 8.07 9.79 -5.64
C GLY A 383 9.12 10.84 -5.76
N ALA A 384 9.93 10.74 -6.80
CA ALA A 384 11.04 11.67 -6.98
C ALA A 384 11.41 11.73 -8.46
N PHE A 385 12.02 12.86 -8.83
CA PHE A 385 12.36 13.18 -10.20
C PHE A 385 11.16 12.89 -11.12
N LYS A 386 11.40 12.39 -12.34
CA LYS A 386 10.29 12.08 -13.28
C LYS A 386 9.20 11.17 -12.72
N GLU A 387 9.47 10.42 -11.65
CA GLU A 387 8.41 9.62 -11.02
C GLU A 387 7.55 10.41 -10.03
N GLY A 388 7.90 11.68 -9.80
CA GLY A 388 7.16 12.49 -8.83
C GLY A 388 5.68 12.55 -9.19
N SER A 389 4.83 12.69 -8.18
CA SER A 389 3.41 12.72 -8.36
C SER A 389 2.75 13.20 -7.08
N LEU A 390 1.44 13.40 -7.18
CA LEU A 390 0.57 13.45 -6.02
C LEU A 390 -0.24 12.19 -5.96
N ARG A 391 -0.57 11.77 -4.74
CA ARG A 391 -1.51 10.66 -4.66
C ARG A 391 -2.70 11.04 -3.76
N ILE A 392 -3.91 10.73 -4.20
CA ILE A 392 -5.07 10.91 -3.34
C ILE A 392 -5.58 9.59 -2.77
N ILE A 393 -5.40 9.38 -1.48
CA ILE A 393 -5.84 8.12 -0.89
C ILE A 393 -7.23 8.22 -0.27
N ARG A 394 -8.19 7.44 -0.79
CA ARG A 394 -9.58 7.44 -0.30
C ARG A 394 -9.93 6.12 0.38
N ASN A 395 -10.65 6.23 1.49
CA ASN A 395 -11.13 5.06 2.19
C ASN A 395 -12.50 4.57 1.71
N GLY A 396 -12.64 3.26 1.56
CA GLY A 396 -13.92 2.69 1.13
C GLY A 396 -14.20 2.83 -0.36
N ILE A 397 -15.41 2.47 -0.74
CA ILE A 397 -15.83 2.45 -2.12
C ILE A 397 -16.95 3.44 -2.16
N GLY A 398 -16.96 4.31 -3.18
CA GLY A 398 -17.99 5.33 -3.34
C GLY A 398 -18.90 5.05 -4.52
N ILE A 399 -20.04 5.73 -4.53
CA ILE A 399 -21.05 5.65 -5.61
C ILE A 399 -21.60 7.06 -5.91
N HIS A 400 -21.65 7.42 -7.20
CA HIS A 400 -22.05 8.78 -7.61
C HIS A 400 -23.54 8.85 -7.94
N GLU A 401 -24.25 9.76 -7.27
CA GLU A 401 -25.72 9.85 -7.34
C GLU A 401 -26.22 10.57 -8.59
N HIS A 402 -26.77 9.81 -9.54
CA HIS A 402 -27.38 10.37 -10.75
C HIS A 402 -28.78 10.90 -10.41
N ALA A 403 -29.67 9.99 -9.99
CA ALA A 403 -31.02 10.37 -9.55
C ALA A 403 -31.36 9.96 -8.12
N SER A 404 -32.18 10.78 -7.48
CA SER A 404 -32.63 10.54 -6.12
C SER A 404 -34.11 10.90 -6.01
N ILE A 405 -34.96 9.87 -6.15
CA ILE A 405 -36.39 10.00 -5.88
C ILE A 405 -36.59 9.51 -4.46
N ASP A 406 -37.12 10.37 -3.60
CA ASP A 406 -37.45 9.97 -2.24
C ASP A 406 -38.81 9.28 -2.20
N LEU A 407 -38.93 8.27 -1.32
CA LEU A 407 -40.12 7.43 -1.20
C LEU A 407 -40.00 6.47 -0.01
N PRO A 408 -40.57 6.87 1.15
CA PRO A 408 -40.57 6.12 2.43
C PRO A 408 -40.93 4.63 2.36
N GLY A 409 -40.48 3.87 3.36
CA GLY A 409 -40.94 2.50 3.64
C GLY A 409 -40.91 1.41 2.57
N ILE A 410 -39.92 1.49 1.67
CA ILE A 410 -39.65 0.44 0.68
C ILE A 410 -39.18 -0.85 1.38
N LYS A 411 -39.66 -2.00 0.92
CA LYS A 411 -39.23 -3.26 1.50
C LYS A 411 -38.82 -4.31 0.46
N GLY A 412 -38.18 -3.87 -0.62
CA GLY A 412 -37.71 -4.79 -1.65
C GLY A 412 -37.72 -4.15 -3.00
N LEU A 413 -36.76 -4.55 -3.86
CA LEU A 413 -36.57 -3.96 -5.21
C LEU A 413 -36.13 -4.96 -6.28
N TRP A 414 -36.80 -4.89 -7.43
CA TRP A 414 -36.51 -5.75 -8.58
C TRP A 414 -36.59 -5.00 -9.90
N PRO A 415 -35.56 -5.21 -10.77
CA PRO A 415 -35.41 -4.51 -12.05
C PRO A 415 -36.28 -5.12 -13.15
N LEU A 416 -36.78 -4.30 -14.09
CA LEU A 416 -37.75 -4.81 -15.08
C LEU A 416 -37.67 -4.24 -16.52
N ARG A 417 -37.94 -5.09 -17.50
CA ARG A 417 -37.61 -4.81 -18.89
C ARG A 417 -38.76 -5.12 -19.86
N SER A 418 -39.36 -4.06 -20.42
CA SER A 418 -40.53 -4.20 -21.31
C SER A 418 -40.22 -4.56 -22.78
N ASP A 419 -39.33 -5.54 -22.96
CA ASP A 419 -38.96 -6.05 -24.29
C ASP A 419 -38.24 -7.41 -24.15
N PRO A 420 -38.78 -8.46 -24.80
CA PRO A 420 -38.15 -9.78 -24.77
C PRO A 420 -36.87 -9.88 -25.61
N ASN A 421 -36.45 -8.76 -26.19
CA ASN A 421 -35.29 -8.73 -27.09
C ASN A 421 -33.97 -8.35 -26.40
N ARG A 422 -33.92 -7.14 -25.86
CA ARG A 422 -32.69 -6.52 -25.34
C ARG A 422 -32.24 -7.03 -23.96
N GLU A 423 -31.24 -6.36 -23.40
CA GLU A 423 -30.77 -6.60 -22.04
C GLU A 423 -30.83 -5.31 -21.23
N THR A 424 -31.44 -4.27 -21.82
CA THR A 424 -31.69 -3.00 -21.12
C THR A 424 -33.13 -2.93 -20.60
N TYR A 425 -33.26 -2.64 -19.31
CA TYR A 425 -34.53 -2.59 -18.62
C TYR A 425 -35.12 -1.17 -18.66
N ASP A 426 -36.41 -1.05 -18.38
CA ASP A 426 -37.09 0.26 -18.40
C ASP A 426 -38.22 0.41 -17.37
N THR A 427 -38.27 -0.54 -16.43
CA THR A 427 -39.29 -0.59 -15.38
C THR A 427 -38.65 -0.91 -14.03
N LEU A 428 -39.13 -0.24 -12.99
CA LEU A 428 -38.67 -0.57 -11.64
C LEU A 428 -39.82 -0.99 -10.76
N VAL A 429 -39.55 -1.90 -9.83
CA VAL A 429 -40.59 -2.43 -8.96
C VAL A 429 -40.27 -2.18 -7.49
N LEU A 430 -41.16 -1.42 -6.85
CA LEU A 430 -41.05 -1.09 -5.43
C LEU A 430 -42.16 -1.77 -4.64
N SER A 431 -41.80 -2.87 -3.98
CA SER A 431 -42.72 -3.53 -3.08
C SER A 431 -42.75 -2.78 -1.75
N PHE A 432 -43.96 -2.44 -1.33
CA PHE A 432 -44.16 -1.81 -0.03
C PHE A 432 -44.85 -2.78 0.90
N VAL A 433 -44.85 -2.42 2.17
CA VAL A 433 -45.44 -3.20 3.25
C VAL A 433 -46.66 -3.99 2.81
N GLY A 434 -47.73 -3.28 2.47
CA GLY A 434 -48.98 -3.94 2.11
C GLY A 434 -49.23 -3.92 0.62
N GLN A 435 -48.50 -3.06 -0.07
CA GLN A 435 -48.80 -2.77 -1.47
C GLN A 435 -47.68 -3.15 -2.43
N THR A 436 -47.85 -2.70 -3.67
CA THR A 436 -46.83 -2.80 -4.71
C THR A 436 -47.15 -1.73 -5.77
N ARG A 437 -46.20 -0.83 -6.01
CA ARG A 437 -46.32 0.15 -7.09
C ARG A 437 -45.16 0.06 -8.08
N VAL A 438 -45.51 0.03 -9.35
CA VAL A 438 -44.58 -0.19 -10.44
C VAL A 438 -44.13 1.16 -11.00
N LEU A 439 -42.94 1.20 -11.60
CA LEU A 439 -42.42 2.42 -12.20
C LEU A 439 -42.02 2.23 -13.67
N MET A 440 -42.29 3.26 -14.49
CA MET A 440 -41.89 3.28 -15.89
C MET A 440 -40.63 4.15 -16.01
N LEU A 441 -39.94 4.06 -17.15
CA LEU A 441 -38.74 4.87 -17.37
C LEU A 441 -38.64 5.42 -18.79
N ASN A 442 -38.86 6.72 -18.93
CA ASN A 442 -38.75 7.40 -20.23
C ASN A 442 -37.29 7.56 -20.65
N GLY A 443 -36.45 7.93 -19.68
CA GLY A 443 -35.02 8.00 -19.87
C GLY A 443 -34.40 8.27 -18.51
N GLU A 444 -34.39 9.55 -18.15
CA GLU A 444 -33.98 9.99 -16.83
C GLU A 444 -35.25 10.31 -16.03
N GLU A 445 -36.40 9.95 -16.61
CA GLU A 445 -37.71 10.15 -15.99
C GLU A 445 -38.29 8.88 -15.38
N VAL A 446 -39.16 9.06 -14.38
CA VAL A 446 -39.68 7.96 -13.57
C VAL A 446 -41.15 8.23 -13.20
N GLU A 447 -42.07 7.60 -13.94
CA GLU A 447 -43.50 7.75 -13.71
C GLU A 447 -44.08 6.45 -13.12
N GLU A 448 -45.23 6.55 -12.43
CA GLU A 448 -45.76 5.42 -11.65
C GLU A 448 -47.12 4.82 -12.07
N THR A 449 -47.18 4.25 -13.27
CA THR A 449 -48.32 3.43 -13.66
C THR A 449 -47.97 1.95 -13.47
N GLU A 450 -48.98 1.09 -13.58
CA GLU A 450 -48.81 -0.35 -13.31
C GLU A 450 -48.93 -1.21 -14.57
N LEU A 451 -48.58 -2.48 -14.46
CA LEU A 451 -48.68 -3.42 -15.57
C LEU A 451 -49.97 -4.22 -15.49
N MET A 452 -50.67 -4.32 -16.62
CA MET A 452 -51.95 -5.02 -16.72
C MET A 452 -51.70 -6.53 -16.64
N GLY A 453 -51.61 -7.02 -15.40
CA GLY A 453 -51.27 -8.41 -15.11
C GLY A 453 -50.56 -8.50 -13.76
N PHE A 454 -50.30 -7.34 -13.16
CA PHE A 454 -49.62 -7.24 -11.87
C PHE A 454 -50.56 -6.74 -10.78
N VAL A 455 -50.54 -7.40 -9.63
CA VAL A 455 -51.29 -6.93 -8.48
C VAL A 455 -50.56 -5.75 -7.85
N ASP A 456 -51.33 -4.91 -7.17
CA ASP A 456 -50.83 -3.68 -6.59
C ASP A 456 -51.31 -3.54 -5.15
N ASP A 457 -52.29 -4.36 -4.77
CA ASP A 457 -52.84 -4.36 -3.42
C ASP A 457 -52.18 -5.36 -2.47
N GLN A 458 -51.34 -6.23 -3.03
CA GLN A 458 -50.56 -7.21 -2.26
C GLN A 458 -49.08 -6.82 -2.26
N GLN A 459 -48.30 -7.44 -1.38
CA GLN A 459 -46.85 -7.18 -1.35
C GLN A 459 -46.06 -8.20 -2.17
N THR A 460 -45.16 -7.68 -2.99
CA THR A 460 -44.36 -8.48 -3.90
C THR A 460 -43.10 -8.95 -3.18
N PHE A 461 -42.78 -10.23 -3.31
CA PHE A 461 -41.52 -10.81 -2.80
C PHE A 461 -40.50 -11.10 -3.90
N PHE A 462 -40.94 -10.98 -5.15
CA PHE A 462 -40.05 -11.15 -6.28
C PHE A 462 -40.66 -10.52 -7.54
N CYS A 463 -39.78 -10.01 -8.39
CA CYS A 463 -40.16 -9.49 -9.69
C CYS A 463 -38.98 -9.59 -10.65
N GLY A 464 -39.00 -10.62 -11.50
CA GLY A 464 -37.92 -10.83 -12.48
C GLY A 464 -38.41 -11.02 -13.90
N ASN A 465 -37.53 -11.54 -14.74
CA ASN A 465 -37.85 -11.93 -16.12
C ASN A 465 -37.62 -13.42 -16.29
N VAL A 466 -38.58 -14.12 -16.87
CA VAL A 466 -38.48 -15.60 -16.97
C VAL A 466 -38.15 -16.12 -18.38
N ALA A 467 -39.04 -16.96 -18.93
CA ALA A 467 -38.85 -17.54 -20.25
C ALA A 467 -40.08 -17.33 -21.13
N HIS A 468 -39.88 -17.38 -22.45
CA HIS A 468 -40.96 -17.19 -23.45
C HIS A 468 -41.69 -15.88 -23.23
N GLN A 469 -41.00 -14.76 -23.45
CA GLN A 469 -41.61 -13.42 -23.43
C GLN A 469 -42.44 -13.15 -22.16
N GLN A 470 -41.87 -13.48 -20.99
CA GLN A 470 -42.64 -13.48 -19.73
C GLN A 470 -42.00 -12.76 -18.53
N LEU A 471 -42.86 -12.28 -17.62
CA LEU A 471 -42.48 -11.46 -16.46
C LEU A 471 -43.21 -11.86 -15.16
N ILE A 472 -42.48 -12.49 -14.25
CA ILE A 472 -43.07 -13.08 -13.03
C ILE A 472 -43.21 -12.11 -11.87
N GLN A 473 -44.34 -12.22 -11.15
CA GLN A 473 -44.52 -11.56 -9.87
C GLN A 473 -44.86 -12.67 -8.89
N ILE A 474 -44.10 -12.77 -7.81
CA ILE A 474 -44.44 -13.70 -6.73
C ILE A 474 -44.93 -12.89 -5.53
N THR A 475 -46.20 -12.51 -5.58
CA THR A 475 -46.84 -11.83 -4.46
C THR A 475 -47.10 -12.87 -3.36
N SER A 476 -47.31 -12.39 -2.14
CA SER A 476 -47.46 -13.28 -0.98
C SER A 476 -48.73 -14.13 -1.05
N ALA A 477 -49.72 -13.64 -1.79
CA ALA A 477 -51.00 -14.31 -1.96
C ALA A 477 -50.93 -15.44 -2.98
N SER A 478 -50.22 -15.20 -4.08
CA SER A 478 -50.15 -16.16 -5.18
C SER A 478 -48.99 -15.82 -6.11
N VAL A 479 -48.39 -16.84 -6.73
CA VAL A 479 -47.40 -16.58 -7.76
C VAL A 479 -48.12 -16.35 -9.10
N ARG A 480 -48.00 -15.14 -9.64
CA ARG A 480 -48.64 -14.77 -10.91
C ARG A 480 -47.74 -15.00 -12.13
N LEU A 481 -48.34 -15.14 -13.30
CA LEU A 481 -47.57 -15.20 -14.54
C LEU A 481 -48.19 -14.33 -15.63
N VAL A 482 -47.38 -13.41 -16.16
CA VAL A 482 -47.81 -12.48 -17.21
C VAL A 482 -46.97 -12.70 -18.47
N SER A 483 -47.60 -12.69 -19.63
CA SER A 483 -46.89 -12.64 -20.91
C SER A 483 -46.71 -11.17 -21.33
N GLN A 484 -45.57 -10.86 -21.93
CA GLN A 484 -45.27 -9.49 -22.35
C GLN A 484 -46.01 -9.16 -23.64
N GLU A 485 -45.74 -9.94 -24.69
CA GLU A 485 -46.40 -9.76 -25.99
C GLU A 485 -47.93 -9.93 -25.82
N PRO A 486 -48.38 -11.12 -25.36
CA PRO A 486 -49.78 -11.24 -24.90
C PRO A 486 -49.95 -10.76 -23.44
N LYS A 487 -50.28 -9.48 -23.28
CA LYS A 487 -50.38 -8.82 -21.96
C LYS A 487 -51.52 -9.36 -21.07
N ALA A 488 -51.33 -10.56 -20.51
CA ALA A 488 -52.36 -11.21 -19.69
C ALA A 488 -51.83 -12.27 -18.73
N LEU A 489 -52.59 -12.48 -17.65
CA LEU A 489 -52.30 -13.53 -16.65
C LEU A 489 -52.43 -14.93 -17.27
N VAL A 490 -51.30 -15.46 -17.76
CA VAL A 490 -51.27 -16.76 -18.46
C VAL A 490 -51.47 -17.99 -17.54
N SER A 491 -51.55 -17.74 -16.23
CA SER A 491 -51.90 -18.73 -15.21
C SER A 491 -51.64 -18.14 -13.83
N GLU A 492 -52.05 -18.86 -12.78
CA GLU A 492 -51.85 -18.41 -11.40
C GLU A 492 -51.90 -19.57 -10.42
N TRP A 493 -50.81 -19.73 -9.68
CA TRP A 493 -50.69 -20.75 -8.64
C TRP A 493 -51.02 -20.13 -7.30
N LYS A 494 -51.78 -20.86 -6.48
CA LYS A 494 -52.07 -20.45 -5.11
C LYS A 494 -51.89 -21.69 -4.20
N GLU A 495 -51.83 -21.47 -2.88
CA GLU A 495 -51.60 -22.56 -1.93
C GLU A 495 -52.87 -23.39 -1.74
N PRO A 496 -52.76 -24.73 -1.85
CA PRO A 496 -53.91 -25.61 -1.69
C PRO A 496 -54.97 -25.09 -0.71
N GLN A 497 -54.55 -24.55 0.43
CA GLN A 497 -55.50 -24.07 1.46
C GLN A 497 -55.59 -22.55 1.62
N ALA A 498 -55.11 -21.82 0.61
CA ALA A 498 -55.07 -20.36 0.63
C ALA A 498 -54.16 -19.76 1.71
N LYS A 499 -53.25 -20.56 2.27
CA LYS A 499 -52.20 -20.06 3.17
C LYS A 499 -51.27 -19.13 2.40
N ASN A 500 -50.66 -18.17 3.11
CA ASN A 500 -49.77 -17.20 2.47
C ASN A 500 -48.36 -17.74 2.23
N ILE A 501 -47.79 -17.37 1.07
CA ILE A 501 -46.39 -17.63 0.76
C ILE A 501 -45.50 -16.81 1.70
N SER A 502 -44.45 -17.45 2.22
CA SER A 502 -43.57 -16.88 3.24
C SER A 502 -42.26 -16.37 2.66
N VAL A 503 -41.51 -17.24 2.00
CA VAL A 503 -40.23 -16.89 1.44
C VAL A 503 -40.22 -17.14 -0.05
N ALA A 504 -39.77 -16.16 -0.82
CA ALA A 504 -39.64 -16.29 -2.26
C ALA A 504 -38.35 -17.00 -2.68
N SER A 505 -38.13 -17.12 -3.99
CA SER A 505 -36.95 -17.78 -4.55
C SER A 505 -37.21 -18.06 -6.03
N CYS A 506 -36.50 -17.36 -6.91
CA CYS A 506 -36.80 -17.36 -8.35
C CYS A 506 -35.61 -16.90 -9.21
N ASN A 507 -35.06 -17.81 -10.02
CA ASN A 507 -33.96 -17.45 -10.92
C ASN A 507 -34.39 -16.83 -12.26
N SER A 508 -34.79 -17.67 -13.21
CA SER A 508 -35.14 -17.26 -14.58
C SER A 508 -36.00 -18.35 -15.22
N SER A 509 -35.83 -19.58 -14.75
CA SER A 509 -36.52 -20.74 -15.29
C SER A 509 -37.06 -21.64 -14.16
N GLN A 510 -36.89 -21.18 -12.91
CA GLN A 510 -37.23 -21.96 -11.73
C GLN A 510 -37.85 -21.13 -10.60
N VAL A 511 -38.73 -21.76 -9.81
CA VAL A 511 -39.42 -21.13 -8.66
C VAL A 511 -39.37 -22.07 -7.44
N VAL A 512 -39.12 -21.50 -6.26
CA VAL A 512 -39.18 -22.23 -4.99
C VAL A 512 -39.74 -21.38 -3.86
N VAL A 513 -41.05 -21.48 -3.60
CA VAL A 513 -41.62 -20.72 -2.49
C VAL A 513 -41.60 -21.52 -1.20
N ALA A 514 -42.02 -20.89 -0.11
CA ALA A 514 -42.26 -21.62 1.15
C ALA A 514 -43.47 -21.03 1.84
N VAL A 515 -44.29 -21.92 2.39
CA VAL A 515 -45.38 -21.55 3.26
C VAL A 515 -44.93 -22.19 4.55
N GLY A 516 -44.58 -21.35 5.54
CA GLY A 516 -43.73 -21.72 6.69
C GLY A 516 -42.66 -22.77 6.57
N ARG A 517 -43.01 -24.03 6.86
CA ARG A 517 -42.04 -25.15 6.97
C ARG A 517 -42.23 -25.85 5.61
N ALA A 518 -43.37 -25.63 4.97
CA ALA A 518 -43.72 -26.30 3.72
C ALA A 518 -43.05 -25.62 2.52
N LEU A 519 -42.69 -26.43 1.53
CA LEU A 519 -42.05 -25.96 0.32
C LEU A 519 -42.73 -26.55 -0.92
N TYR A 520 -42.87 -25.75 -1.98
CA TYR A 520 -43.40 -26.24 -3.26
C TYR A 520 -42.51 -25.79 -4.41
N TYR A 521 -41.95 -26.73 -5.17
CA TYR A 521 -41.15 -26.42 -6.38
C TYR A 521 -42.02 -26.47 -7.63
N LEU A 522 -42.26 -25.31 -8.22
CA LEU A 522 -43.05 -25.19 -9.45
C LEU A 522 -42.14 -24.95 -10.65
N GLN A 523 -42.71 -24.80 -11.85
CA GLN A 523 -41.91 -24.53 -13.05
C GLN A 523 -42.59 -23.64 -14.08
N ILE A 524 -41.81 -22.77 -14.74
CA ILE A 524 -42.31 -21.88 -15.80
C ILE A 524 -42.07 -22.47 -17.20
N HIS A 525 -42.50 -23.72 -17.41
CA HIS A 525 -42.49 -24.30 -18.74
C HIS A 525 -43.71 -23.76 -19.49
N PRO A 526 -43.53 -23.49 -20.81
CA PRO A 526 -44.26 -22.45 -21.53
C PRO A 526 -45.65 -22.10 -21.00
N GLN A 527 -45.81 -20.85 -20.58
CA GLN A 527 -47.12 -20.22 -20.36
C GLN A 527 -47.98 -20.84 -19.26
N GLU A 528 -47.35 -21.61 -18.38
CA GLU A 528 -48.05 -22.21 -17.24
C GLU A 528 -47.11 -22.47 -16.08
N LEU A 529 -47.65 -22.32 -14.88
CA LEU A 529 -46.93 -22.57 -13.64
C LEU A 529 -47.16 -24.01 -13.20
N ARG A 530 -46.20 -24.89 -13.46
CA ARG A 530 -46.35 -26.33 -13.25
C ARG A 530 -45.63 -26.84 -12.00
N GLN A 531 -46.41 -27.25 -11.00
CA GLN A 531 -45.88 -27.82 -9.75
C GLN A 531 -45.15 -29.15 -9.99
N ILE A 532 -44.12 -29.39 -9.18
CA ILE A 532 -43.22 -30.51 -9.40
C ILE A 532 -42.93 -31.27 -8.10
N SER A 533 -42.79 -30.55 -6.99
CA SER A 533 -42.33 -31.16 -5.74
C SER A 533 -43.06 -30.64 -4.50
N HIS A 534 -42.84 -31.31 -3.36
CA HIS A 534 -43.29 -30.86 -2.03
C HIS A 534 -42.65 -31.64 -0.88
N THR A 535 -41.88 -30.93 -0.07
CA THR A 535 -41.40 -31.42 1.22
C THR A 535 -41.74 -30.37 2.27
N GLU A 536 -41.62 -30.77 3.53
CA GLU A 536 -41.89 -29.93 4.69
C GLU A 536 -40.64 -29.96 5.58
N MET A 537 -40.25 -28.79 6.08
CA MET A 537 -39.02 -28.66 6.85
C MET A 537 -39.21 -28.91 8.32
N GLU A 538 -38.15 -29.36 8.96
CA GLU A 538 -38.19 -29.65 10.38
C GLU A 538 -38.53 -28.38 11.15
N HIS A 539 -38.23 -27.22 10.57
CA HIS A 539 -38.59 -25.92 11.17
C HIS A 539 -39.06 -24.91 10.14
N GLU A 540 -39.43 -23.73 10.61
CA GLU A 540 -39.88 -22.68 9.73
C GLU A 540 -38.71 -22.16 8.90
N VAL A 541 -39.00 -21.85 7.64
CA VAL A 541 -37.97 -21.39 6.69
C VAL A 541 -37.78 -19.87 6.81
N ALA A 542 -36.52 -19.46 6.99
CA ALA A 542 -36.15 -18.06 7.09
C ALA A 542 -35.77 -17.47 5.75
N CYS A 543 -34.96 -18.20 4.99
CA CYS A 543 -34.46 -17.71 3.71
C CYS A 543 -34.15 -18.85 2.74
N LEU A 544 -34.17 -18.51 1.46
CA LEU A 544 -33.96 -19.44 0.35
C LEU A 544 -33.25 -18.74 -0.78
N ASP A 545 -32.42 -19.47 -1.52
CA ASP A 545 -31.86 -18.94 -2.76
C ASP A 545 -31.57 -20.01 -3.79
N ILE A 546 -31.94 -19.71 -5.03
CA ILE A 546 -31.59 -20.55 -6.17
C ILE A 546 -31.20 -19.75 -7.41
N THR A 547 -29.95 -19.94 -7.81
CA THR A 547 -29.41 -19.40 -9.04
C THR A 547 -28.42 -20.42 -9.59
N PRO A 548 -28.69 -20.97 -10.79
CA PRO A 548 -27.86 -22.01 -11.40
C PRO A 548 -26.39 -21.61 -11.44
N LEU A 549 -25.52 -22.57 -11.18
CA LEU A 549 -24.09 -22.30 -11.05
C LEU A 549 -23.26 -23.06 -12.09
N GLY A 550 -23.27 -22.57 -13.33
CA GLY A 550 -22.42 -23.10 -14.39
C GLY A 550 -23.03 -24.15 -15.32
N ASP A 551 -22.91 -25.41 -14.92
CA ASP A 551 -23.28 -26.57 -15.76
C ASP A 551 -24.74 -26.58 -16.27
N SER A 552 -25.51 -25.60 -15.82
CA SER A 552 -26.88 -25.39 -16.30
C SER A 552 -27.18 -23.89 -16.34
N ASN A 553 -27.98 -23.48 -17.32
CA ASN A 553 -28.31 -22.07 -17.52
C ASN A 553 -29.80 -21.80 -17.30
N GLY A 554 -30.14 -21.39 -16.08
CA GLY A 554 -31.53 -21.11 -15.72
C GLY A 554 -32.16 -22.18 -14.85
N LEU A 555 -31.69 -23.42 -15.02
CA LEU A 555 -32.23 -24.58 -14.29
C LEU A 555 -31.32 -24.98 -13.11
N SER A 556 -31.66 -24.48 -11.93
CA SER A 556 -30.84 -24.66 -10.73
C SER A 556 -30.96 -26.07 -10.15
N PRO A 557 -29.82 -26.80 -10.08
CA PRO A 557 -29.77 -28.17 -9.55
C PRO A 557 -29.79 -28.26 -8.03
N LEU A 558 -29.52 -27.14 -7.34
CA LEU A 558 -29.40 -27.13 -5.86
C LEU A 558 -30.25 -26.05 -5.17
N CYS A 559 -30.37 -26.13 -3.84
CA CYS A 559 -31.18 -25.18 -3.05
C CYS A 559 -30.48 -24.78 -1.74
N ALA A 560 -30.39 -23.47 -1.51
CA ALA A 560 -29.83 -22.94 -0.27
C ALA A 560 -30.98 -22.63 0.71
N ILE A 561 -30.82 -23.01 1.99
CA ILE A 561 -31.91 -22.79 2.95
C ILE A 561 -31.51 -22.45 4.38
N GLY A 562 -32.24 -21.49 4.96
CA GLY A 562 -32.08 -21.11 6.36
C GLY A 562 -33.29 -21.41 7.23
N LEU A 563 -33.05 -22.09 8.35
CA LEU A 563 -34.11 -22.46 9.27
C LEU A 563 -34.22 -21.55 10.48
N TRP A 564 -35.20 -21.81 11.33
CA TRP A 564 -35.69 -20.84 12.29
C TRP A 564 -35.44 -21.14 13.76
N THR A 565 -35.29 -22.40 14.14
CA THR A 565 -35.14 -22.70 15.56
C THR A 565 -33.77 -23.24 15.82
N ASP A 566 -33.31 -24.13 14.94
CA ASP A 566 -31.98 -24.67 15.05
C ASP A 566 -30.93 -23.77 14.38
N ILE A 567 -31.38 -22.59 13.95
CA ILE A 567 -30.49 -21.55 13.41
C ILE A 567 -29.42 -22.19 12.54
N SER A 568 -29.87 -22.79 11.46
CA SER A 568 -29.00 -23.62 10.66
C SER A 568 -29.20 -23.39 9.17
N ALA A 569 -28.12 -23.58 8.40
CA ALA A 569 -28.22 -23.47 6.95
C ALA A 569 -27.99 -24.83 6.29
N ARG A 570 -28.63 -25.05 5.14
CA ARG A 570 -28.51 -26.34 4.45
C ARG A 570 -28.53 -26.28 2.91
N ILE A 571 -28.07 -27.38 2.31
CA ILE A 571 -28.04 -27.59 0.87
C ILE A 571 -29.07 -28.65 0.54
N LEU A 572 -29.99 -28.35 -0.37
CA LEU A 572 -30.97 -29.35 -0.82
C LEU A 572 -30.81 -29.67 -2.31
N LYS A 573 -31.51 -30.70 -2.78
CA LYS A 573 -31.49 -31.10 -4.19
C LYS A 573 -32.89 -30.97 -4.81
N LEU A 574 -33.09 -29.90 -5.57
CA LEU A 574 -34.43 -29.45 -6.02
C LEU A 574 -35.34 -30.46 -6.72
N PRO A 575 -34.79 -31.32 -7.59
CA PRO A 575 -35.67 -32.36 -8.10
C PRO A 575 -36.45 -33.09 -6.98
N SER A 576 -35.82 -33.29 -5.82
CA SER A 576 -36.38 -34.06 -4.69
C SER A 576 -36.62 -33.27 -3.39
N PHE A 577 -35.67 -32.39 -3.03
CA PHE A 577 -35.64 -31.63 -1.76
C PHE A 577 -34.92 -32.38 -0.62
N GLU A 578 -34.41 -33.57 -0.93
CA GLU A 578 -33.77 -34.42 0.08
C GLU A 578 -32.61 -33.70 0.78
N LEU A 579 -32.54 -33.83 2.10
CA LEU A 579 -31.57 -33.09 2.92
C LEU A 579 -30.17 -33.67 2.86
N LEU A 580 -29.25 -32.94 2.22
CA LEU A 580 -27.85 -33.34 2.09
C LEU A 580 -27.00 -32.93 3.29
N HIS A 581 -26.40 -31.75 3.23
CA HIS A 581 -25.67 -31.21 4.39
C HIS A 581 -26.30 -29.97 5.02
N LYS A 582 -26.46 -30.05 6.34
CA LYS A 582 -26.99 -28.99 7.16
C LYS A 582 -25.95 -28.59 8.22
N GLU A 583 -25.92 -27.30 8.55
CA GLU A 583 -24.95 -26.75 9.50
C GLU A 583 -25.60 -25.81 10.53
N MET A 584 -25.63 -26.29 11.78
CA MET A 584 -26.09 -25.50 12.92
C MET A 584 -25.07 -24.44 13.27
N LEU A 585 -25.52 -23.21 13.26
CA LEU A 585 -24.73 -22.10 13.76
C LEU A 585 -25.13 -21.90 15.21
N GLY A 586 -24.46 -20.98 15.89
CA GLY A 586 -24.78 -20.67 17.29
C GLY A 586 -25.87 -19.62 17.40
N GLY A 587 -26.17 -19.25 18.65
CA GLY A 587 -27.19 -18.23 18.94
C GLY A 587 -28.59 -18.67 18.56
N GLU A 588 -29.54 -17.76 18.79
CA GLU A 588 -30.94 -18.00 18.47
C GLU A 588 -31.52 -16.93 17.51
N ILE A 589 -30.66 -16.02 17.07
CA ILE A 589 -30.98 -15.02 16.06
C ILE A 589 -31.06 -15.73 14.70
N ILE A 590 -32.17 -15.49 13.99
CA ILE A 590 -32.50 -16.16 12.73
C ILE A 590 -31.52 -15.82 11.61
N PRO A 591 -31.27 -16.76 10.68
CA PRO A 591 -30.74 -16.40 9.37
C PRO A 591 -31.61 -15.33 8.70
N ARG A 592 -31.01 -14.27 8.17
CA ARG A 592 -31.76 -13.25 7.41
C ARG A 592 -31.74 -13.55 5.91
N SER A 593 -30.54 -13.68 5.37
CA SER A 593 -30.41 -14.03 3.97
C SER A 593 -29.39 -15.14 3.77
N ILE A 594 -29.57 -15.86 2.68
CA ILE A 594 -28.63 -16.88 2.22
C ILE A 594 -28.49 -16.76 0.71
N LEU A 595 -27.29 -16.98 0.17
CA LEU A 595 -27.04 -16.78 -1.25
C LEU A 595 -25.90 -17.65 -1.76
N MET A 596 -26.13 -18.27 -2.92
CA MET A 596 -25.12 -19.06 -3.62
C MET A 596 -24.65 -18.41 -4.95
N THR A 597 -23.34 -18.14 -5.05
CA THR A 597 -22.75 -17.48 -6.21
C THR A 597 -21.39 -18.05 -6.64
N THR A 598 -21.01 -17.78 -7.89
CA THR A 598 -19.75 -18.25 -8.49
C THR A 598 -18.80 -17.07 -8.69
N PHE A 599 -17.56 -17.19 -8.22
CA PHE A 599 -16.58 -16.12 -8.38
C PHE A 599 -15.32 -16.54 -9.13
N GLU A 600 -14.65 -17.57 -8.62
CA GLU A 600 -13.44 -18.09 -9.23
C GLU A 600 -13.32 -19.60 -9.04
N SER A 601 -12.16 -20.04 -8.54
CA SER A 601 -11.90 -21.46 -8.25
C SER A 601 -12.40 -21.79 -6.84
N SER A 602 -13.63 -21.37 -6.56
CA SER A 602 -14.36 -21.71 -5.34
C SER A 602 -15.81 -21.28 -5.55
N HIS A 603 -16.74 -22.23 -5.43
CA HIS A 603 -18.16 -21.93 -5.54
C HIS A 603 -18.70 -21.60 -4.15
N TYR A 604 -19.20 -20.38 -4.00
CA TYR A 604 -19.51 -19.83 -2.69
C TYR A 604 -21.00 -19.83 -2.33
N LEU A 605 -21.28 -20.34 -1.14
CA LEU A 605 -22.60 -20.25 -0.55
C LEU A 605 -22.51 -19.72 0.89
N LEU A 606 -23.01 -18.51 1.06
CA LEU A 606 -22.92 -17.80 2.34
C LEU A 606 -24.28 -17.37 2.87
N CYS A 607 -24.30 -17.07 4.17
CA CYS A 607 -25.52 -16.77 4.88
C CYS A 607 -25.24 -15.73 5.98
N ALA A 608 -26.11 -14.71 6.04
CA ALA A 608 -25.98 -13.62 7.01
C ALA A 608 -27.09 -13.67 8.04
N LEU A 609 -26.72 -13.52 9.31
CA LEU A 609 -27.68 -13.52 10.40
C LEU A 609 -28.39 -12.21 10.58
N GLY A 610 -29.08 -12.07 11.71
CA GLY A 610 -30.04 -10.98 11.86
C GLY A 610 -29.55 -9.88 12.77
N ASP A 611 -28.40 -10.10 13.41
CA ASP A 611 -27.82 -9.11 14.30
C ASP A 611 -26.70 -8.34 13.60
N GLY A 612 -26.44 -8.70 12.34
CA GLY A 612 -25.42 -8.05 11.55
C GLY A 612 -24.18 -8.92 11.42
N ALA A 613 -24.28 -10.15 11.93
CA ALA A 613 -23.20 -11.11 11.82
C ALA A 613 -23.25 -11.82 10.48
N LEU A 614 -22.12 -12.39 10.09
CA LEU A 614 -22.11 -13.23 8.90
C LEU A 614 -21.15 -14.41 9.06
N PHE A 615 -21.44 -15.49 8.31
CA PHE A 615 -20.56 -16.64 8.16
C PHE A 615 -20.54 -16.97 6.68
N TYR A 616 -19.39 -17.41 6.18
CA TYR A 616 -19.22 -17.70 4.76
C TYR A 616 -18.79 -19.13 4.50
N PHE A 617 -19.25 -19.70 3.39
CA PHE A 617 -18.91 -21.08 3.04
C PHE A 617 -18.63 -21.33 1.57
N GLY A 618 -17.46 -21.89 1.30
CA GLY A 618 -17.15 -22.47 0.00
C GLY A 618 -17.76 -23.85 -0.05
N LEU A 619 -18.08 -24.31 -1.26
CA LEU A 619 -18.79 -25.57 -1.45
C LEU A 619 -18.70 -26.03 -2.90
N ASN A 620 -18.68 -27.36 -3.10
CA ASN A 620 -18.76 -27.93 -4.43
C ASN A 620 -20.20 -27.80 -4.89
N ILE A 621 -20.45 -27.41 -6.14
CA ILE A 621 -21.80 -27.56 -6.70
C ILE A 621 -22.00 -29.04 -6.98
N GLU A 622 -20.91 -29.79 -6.80
CA GLU A 622 -20.89 -31.24 -6.96
C GLU A 622 -21.55 -31.94 -5.77
N THR A 623 -21.09 -31.62 -4.55
CA THR A 623 -21.64 -32.23 -3.33
C THR A 623 -22.12 -31.21 -2.27
N GLY A 624 -21.33 -31.01 -1.20
CA GLY A 624 -21.70 -30.08 -0.13
C GLY A 624 -20.88 -30.16 1.14
N LEU A 625 -19.63 -29.72 1.07
CA LEU A 625 -18.72 -29.77 2.21
C LEU A 625 -18.47 -28.37 2.79
N LEU A 626 -18.46 -28.29 4.11
CA LEU A 626 -18.18 -27.03 4.82
C LEU A 626 -16.71 -26.61 4.70
N SER A 627 -16.48 -25.46 4.07
CA SER A 627 -15.13 -24.91 3.95
C SER A 627 -14.90 -23.82 4.99
N ASP A 628 -14.21 -22.75 4.60
CA ASP A 628 -13.85 -21.66 5.52
C ASP A 628 -15.03 -21.16 6.34
N ARG A 629 -14.76 -20.85 7.61
CA ARG A 629 -15.79 -20.42 8.55
C ARG A 629 -15.20 -19.54 9.66
N LYS A 630 -15.35 -18.23 9.48
CA LYS A 630 -15.02 -17.24 10.52
C LYS A 630 -16.12 -16.19 10.61
N LYS A 631 -16.69 -16.04 11.80
CA LYS A 631 -17.74 -15.07 12.07
C LYS A 631 -17.21 -13.65 11.87
N VAL A 632 -17.41 -13.11 10.67
CA VAL A 632 -16.98 -11.75 10.33
C VAL A 632 -18.18 -10.79 10.33
N THR A 633 -18.27 -9.97 11.38
CA THR A 633 -19.42 -9.10 11.55
C THR A 633 -19.32 -7.89 10.64
N LEU A 634 -20.47 -7.38 10.22
CA LEU A 634 -20.55 -6.17 9.42
C LEU A 634 -21.27 -5.12 10.25
N GLY A 635 -22.51 -4.79 9.89
CA GLY A 635 -23.32 -3.90 10.73
C GLY A 635 -23.95 -4.51 11.98
N THR A 636 -25.05 -3.91 12.43
CA THR A 636 -25.85 -4.48 13.51
C THR A 636 -27.27 -4.74 13.01
N GLN A 637 -27.58 -4.27 11.82
CA GLN A 637 -28.83 -4.59 11.16
C GLN A 637 -28.73 -5.91 10.39
N PRO A 638 -29.81 -6.71 10.42
CA PRO A 638 -29.80 -7.96 9.68
C PRO A 638 -29.42 -7.65 8.24
N THR A 639 -28.36 -8.28 7.77
CA THR A 639 -27.83 -8.03 6.43
C THR A 639 -28.63 -8.73 5.32
N VAL A 640 -28.78 -8.05 4.19
CA VAL A 640 -29.43 -8.62 3.01
C VAL A 640 -28.47 -8.66 1.82
N LEU A 641 -28.35 -9.84 1.19
CA LEU A 641 -27.35 -10.11 0.16
C LEU A 641 -27.92 -10.08 -1.26
N ARG A 642 -27.14 -9.56 -2.21
CA ARG A 642 -27.56 -9.49 -3.62
C ARG A 642 -26.39 -9.75 -4.58
N THR A 643 -26.70 -9.93 -5.86
CA THR A 643 -25.70 -10.10 -6.92
C THR A 643 -25.84 -8.97 -7.94
N PHE A 644 -24.70 -8.46 -8.42
CA PHE A 644 -24.69 -7.36 -9.39
C PHE A 644 -23.53 -7.48 -10.39
N ARG A 645 -23.78 -6.98 -11.60
CA ARG A 645 -22.77 -6.98 -12.68
C ARG A 645 -21.86 -5.75 -12.55
N SER A 646 -20.55 -5.97 -12.69
CA SER A 646 -19.54 -4.91 -12.55
C SER A 646 -18.52 -4.88 -13.70
N LEU A 647 -17.25 -5.15 -13.35
CA LEU A 647 -16.17 -5.26 -14.34
C LEU A 647 -16.24 -6.62 -15.05
N SER A 648 -15.13 -7.37 -15.05
CA SER A 648 -15.11 -8.73 -15.58
C SER A 648 -15.90 -9.66 -14.66
N THR A 649 -15.35 -9.92 -13.48
CA THR A 649 -16.06 -10.66 -12.44
C THR A 649 -17.17 -9.78 -11.84
N THR A 650 -18.33 -10.39 -11.62
CA THR A 650 -19.51 -9.71 -11.09
C THR A 650 -19.77 -10.16 -9.64
N ASN A 651 -20.00 -9.21 -8.73
CA ASN A 651 -19.86 -9.47 -7.28
C ASN A 651 -21.11 -9.37 -6.37
N VAL A 652 -20.86 -9.33 -5.06
CA VAL A 652 -21.89 -9.36 -4.00
C VAL A 652 -21.88 -8.15 -3.05
N PHE A 653 -23.05 -7.54 -2.94
CA PHE A 653 -23.28 -6.34 -2.13
C PHE A 653 -24.17 -6.66 -0.91
N ALA A 654 -23.56 -6.60 0.27
CA ALA A 654 -24.24 -6.79 1.55
C ALA A 654 -24.94 -5.52 2.10
N CYS A 655 -26.28 -5.50 2.13
CA CYS A 655 -27.03 -4.37 2.70
C CYS A 655 -27.21 -4.42 4.22
N SER A 656 -27.00 -3.27 4.83
CA SER A 656 -26.91 -3.16 6.28
C SER A 656 -26.83 -1.68 6.61
N ASP A 657 -26.73 -1.37 7.90
CA ASP A 657 -26.37 -0.05 8.36
C ASP A 657 -24.87 0.16 8.13
N ARG A 658 -24.15 -0.93 7.81
CA ARG A 658 -22.74 -0.83 7.40
C ARG A 658 -22.53 -1.45 6.01
N PRO A 659 -22.99 -0.77 4.94
CA PRO A 659 -22.88 -1.18 3.54
C PRO A 659 -21.52 -1.72 3.17
N THR A 660 -21.47 -3.01 2.87
CA THR A 660 -20.22 -3.70 2.55
C THR A 660 -20.32 -4.33 1.16
N VAL A 661 -19.19 -4.45 0.49
CA VAL A 661 -19.14 -5.10 -0.80
C VAL A 661 -18.15 -6.22 -0.71
N ILE A 662 -18.53 -7.37 -1.27
CA ILE A 662 -17.68 -8.56 -1.24
C ILE A 662 -17.10 -8.88 -2.63
N TYR A 663 -15.79 -8.67 -2.73
CA TYR A 663 -15.01 -8.81 -3.97
C TYR A 663 -14.15 -10.08 -3.92
N SER A 664 -12.97 -10.01 -4.53
CA SER A 664 -12.01 -11.11 -4.54
C SER A 664 -10.55 -10.67 -4.47
N SER A 665 -9.84 -11.22 -3.50
CA SER A 665 -8.43 -10.92 -3.24
C SER A 665 -7.55 -11.75 -4.19
N ASN A 666 -6.38 -12.15 -3.69
CA ASN A 666 -5.55 -13.18 -4.33
C ASN A 666 -6.47 -14.26 -4.90
N HIS A 667 -7.24 -14.86 -3.99
CA HIS A 667 -8.32 -15.78 -4.32
C HIS A 667 -9.22 -15.83 -3.09
N LYS A 668 -9.08 -14.82 -2.24
CA LYS A 668 -9.95 -14.58 -1.11
C LYS A 668 -11.08 -13.64 -1.55
N LEU A 669 -11.91 -13.23 -0.61
CA LEU A 669 -13.01 -12.28 -0.88
C LEU A 669 -12.76 -11.02 -0.08
N VAL A 670 -12.79 -9.87 -0.75
CA VAL A 670 -12.44 -8.57 -0.15
C VAL A 670 -13.60 -8.03 0.67
N PHE A 671 -13.29 -7.48 1.83
CA PHE A 671 -14.26 -6.79 2.65
C PHE A 671 -13.94 -5.31 2.74
N SER A 672 -14.67 -4.52 1.96
CA SER A 672 -14.51 -3.06 2.00
C SER A 672 -15.81 -2.32 2.33
N ASN A 673 -15.69 -1.24 3.09
CA ASN A 673 -16.80 -0.31 3.24
C ASN A 673 -17.27 0.29 1.91
N VAL A 674 -18.59 0.41 1.77
CA VAL A 674 -19.24 1.32 0.80
C VAL A 674 -19.47 2.62 1.56
N ASN A 675 -19.26 3.73 0.88
CA ASN A 675 -19.37 5.05 1.51
C ASN A 675 -20.82 5.61 1.49
N LEU A 676 -21.72 4.96 2.22
CA LEU A 676 -23.12 5.37 2.26
C LEU A 676 -23.72 5.28 3.66
N LYS A 677 -24.92 5.86 3.81
CA LYS A 677 -25.56 6.00 5.13
C LYS A 677 -26.05 4.65 5.68
N GLU A 678 -26.98 4.03 4.97
CA GLU A 678 -27.47 2.70 5.25
C GLU A 678 -28.26 2.30 4.02
N VAL A 679 -27.94 1.12 3.50
CA VAL A 679 -28.72 0.52 2.44
C VAL A 679 -29.52 -0.65 3.02
N ASN A 680 -30.77 -0.77 2.58
CA ASN A 680 -31.67 -1.84 3.01
C ASN A 680 -31.89 -2.86 1.90
N TYR A 681 -32.06 -2.38 0.67
CA TYR A 681 -32.15 -3.25 -0.49
C TYR A 681 -31.46 -2.59 -1.68
N MET A 682 -30.94 -3.40 -2.59
CA MET A 682 -30.19 -2.93 -3.75
C MET A 682 -30.25 -3.91 -4.91
N CYS A 683 -30.56 -3.41 -6.09
CA CYS A 683 -30.56 -4.24 -7.31
C CYS A 683 -29.68 -3.68 -8.45
N PRO A 684 -29.12 -4.57 -9.30
CA PRO A 684 -28.28 -4.15 -10.43
C PRO A 684 -29.16 -3.51 -11.50
N LEU A 685 -28.59 -3.20 -12.67
CA LEU A 685 -29.38 -2.57 -13.76
C LEU A 685 -28.66 -2.49 -15.11
N ASN A 686 -29.28 -1.80 -16.07
CA ASN A 686 -28.75 -1.55 -17.43
C ASN A 686 -29.66 -0.61 -18.25
N SER A 687 -30.34 0.31 -17.55
CA SER A 687 -31.42 1.17 -18.09
C SER A 687 -31.15 1.94 -19.40
N ASP A 688 -32.25 2.32 -20.06
CA ASP A 688 -32.22 3.19 -21.25
C ASP A 688 -31.83 4.64 -20.93
N GLY A 689 -31.83 4.98 -19.65
CA GLY A 689 -31.43 6.30 -19.17
C GLY A 689 -30.48 6.26 -17.99
N TYR A 690 -30.19 5.04 -17.50
CA TYR A 690 -29.24 4.82 -16.40
C TYR A 690 -28.46 3.50 -16.58
N PRO A 691 -27.53 3.43 -17.56
CA PRO A 691 -26.80 2.19 -17.86
C PRO A 691 -25.81 1.76 -16.78
N ASP A 692 -25.17 0.60 -16.96
CA ASP A 692 -24.45 -0.13 -15.88
C ASP A 692 -24.53 0.55 -14.49
N SER A 693 -25.65 0.32 -13.80
CA SER A 693 -25.94 1.01 -12.54
C SER A 693 -26.57 0.11 -11.47
N LEU A 694 -26.81 0.70 -10.29
CA LEU A 694 -27.38 -0.01 -9.15
C LEU A 694 -28.43 0.86 -8.48
N ALA A 695 -29.49 0.23 -7.99
CA ALA A 695 -30.57 0.94 -7.30
C ALA A 695 -30.55 0.62 -5.82
N LEU A 696 -30.75 1.64 -4.99
CA LEU A 696 -30.54 1.50 -3.55
C LEU A 696 -31.58 2.25 -2.74
N ALA A 697 -32.12 1.59 -1.72
CA ALA A 697 -33.16 2.22 -0.92
C ALA A 697 -32.84 2.21 0.56
N ASN A 698 -33.04 3.36 1.18
CA ASN A 698 -32.90 3.48 2.62
C ASN A 698 -34.28 3.66 3.24
N ASN A 699 -34.30 3.94 4.53
CA ASN A 699 -35.51 4.32 5.24
C ASN A 699 -36.50 5.06 4.36
N SER A 700 -36.00 5.98 3.53
CA SER A 700 -36.87 6.89 2.79
C SER A 700 -36.29 7.51 1.50
N THR A 701 -35.42 6.80 0.79
CA THR A 701 -34.89 7.31 -0.48
C THR A 701 -34.56 6.20 -1.45
N LEU A 702 -34.87 6.42 -2.73
CA LEU A 702 -34.46 5.52 -3.79
C LEU A 702 -33.34 6.20 -4.54
N THR A 703 -32.30 5.44 -4.88
CA THR A 703 -31.13 5.99 -5.55
C THR A 703 -30.61 5.06 -6.64
N ILE A 704 -29.77 5.60 -7.54
CA ILE A 704 -29.23 4.91 -8.71
C ILE A 704 -27.95 5.60 -9.21
N GLY A 705 -26.88 4.84 -9.43
CA GLY A 705 -25.61 5.42 -9.91
C GLY A 705 -24.50 4.46 -10.32
N THR A 706 -23.25 4.94 -10.30
CA THR A 706 -22.09 4.10 -10.65
C THR A 706 -21.28 3.68 -9.43
N ILE A 707 -20.45 2.65 -9.60
CA ILE A 707 -19.65 2.15 -8.51
C ILE A 707 -18.17 2.35 -8.78
N ASP A 708 -17.43 2.68 -7.72
CA ASP A 708 -15.97 2.86 -7.75
C ASP A 708 -15.13 1.58 -7.86
N GLU A 709 -13.82 1.73 -7.73
CA GLU A 709 -12.89 0.62 -7.87
C GLU A 709 -13.34 -0.69 -7.18
N ILE A 710 -12.54 -1.15 -6.23
CA ILE A 710 -12.61 -2.52 -5.76
C ILE A 710 -11.91 -2.63 -4.42
N GLN A 711 -10.80 -1.92 -4.28
CA GLN A 711 -9.93 -2.08 -3.11
C GLN A 711 -10.55 -1.57 -1.80
N LYS A 712 -9.86 -1.75 -0.68
CA LYS A 712 -10.30 -1.19 0.60
C LYS A 712 -9.88 0.29 0.68
N LEU A 713 -8.74 0.60 0.07
CA LEU A 713 -8.30 1.99 -0.17
C LEU A 713 -8.26 2.19 -1.67
N HIS A 714 -8.93 3.25 -2.12
CA HIS A 714 -8.93 3.68 -3.51
C HIS A 714 -7.87 4.77 -3.65
N ILE A 715 -7.03 4.68 -4.69
CA ILE A 715 -5.95 5.64 -4.87
C ILE A 715 -5.91 6.38 -6.21
N ARG A 716 -6.15 7.69 -6.19
CA ARG A 716 -5.94 8.50 -7.39
C ARG A 716 -4.46 8.92 -7.62
N THR A 717 -3.97 8.83 -8.86
CA THR A 717 -2.61 9.32 -9.17
C THR A 717 -2.57 10.57 -10.07
N VAL A 718 -1.79 11.57 -9.67
CA VAL A 718 -1.61 12.81 -10.44
C VAL A 718 -0.12 12.92 -10.72
N PRO A 719 0.32 12.42 -11.87
CA PRO A 719 1.72 12.52 -12.27
C PRO A 719 2.21 13.97 -12.31
N LEU A 720 3.43 14.25 -11.89
CA LEU A 720 3.99 15.58 -12.04
C LEU A 720 5.23 15.60 -12.91
N TYR A 721 5.90 14.47 -13.07
CA TYR A 721 7.14 14.39 -13.87
C TYR A 721 8.31 15.18 -13.25
N GLU A 722 8.17 15.56 -11.99
CA GLU A 722 9.25 16.25 -11.26
C GLU A 722 9.06 15.95 -9.77
N SER A 723 9.98 16.43 -8.93
CA SER A 723 9.98 16.19 -7.49
C SER A 723 9.05 17.09 -6.70
N PRO A 724 7.99 16.55 -6.09
CA PRO A 724 7.27 17.49 -5.21
C PRO A 724 7.78 17.37 -3.79
N ARG A 725 7.93 18.48 -3.08
CA ARG A 725 8.54 18.42 -1.73
C ARG A 725 7.62 18.84 -0.56
N LYS A 726 6.66 19.72 -0.82
CA LYS A 726 5.80 20.26 0.23
C LYS A 726 4.41 20.49 -0.32
N ILE A 727 3.41 20.40 0.55
CA ILE A 727 2.06 20.57 0.13
C ILE A 727 1.23 21.22 1.24
N CYS A 728 0.42 22.22 0.88
CA CYS A 728 -0.54 22.82 1.80
C CYS A 728 -1.89 22.98 1.12
N TYR A 729 -2.95 22.66 1.84
CA TYR A 729 -4.30 22.86 1.33
C TYR A 729 -4.71 24.30 1.63
N GLN A 730 -5.41 24.95 0.70
CA GLN A 730 -6.03 26.27 0.94
C GLN A 730 -7.56 26.25 0.71
N GLU A 731 -8.29 26.08 1.80
CA GLU A 731 -9.73 25.98 1.73
C GLU A 731 -10.37 27.10 0.93
N VAL A 732 -10.30 28.33 1.42
CA VAL A 732 -10.98 29.48 0.78
C VAL A 732 -10.63 29.69 -0.68
N SER A 733 -9.55 29.09 -1.15
CA SER A 733 -9.16 29.14 -2.55
C SER A 733 -9.47 27.81 -3.28
N GLN A 734 -9.96 26.82 -2.54
CA GLN A 734 -10.31 25.52 -3.10
C GLN A 734 -9.16 24.88 -3.89
N CYS A 735 -7.96 24.85 -3.32
CA CYS A 735 -6.84 24.25 -4.05
C CYS A 735 -5.65 23.95 -3.17
N PHE A 736 -4.58 23.53 -3.81
CA PHE A 736 -3.35 23.13 -3.12
C PHE A 736 -2.19 23.93 -3.62
N GLY A 737 -1.27 24.23 -2.72
CA GLY A 737 0.04 24.74 -3.08
C GLY A 737 0.99 23.59 -2.99
N VAL A 738 1.80 23.39 -4.02
CA VAL A 738 2.82 22.37 -3.92
C VAL A 738 4.13 23.01 -4.32
N LEU A 739 5.14 22.84 -3.48
CA LEU A 739 6.49 23.21 -3.89
C LEU A 739 7.04 22.03 -4.62
N SER A 740 7.52 22.22 -5.85
CA SER A 740 8.32 21.17 -6.50
C SER A 740 9.59 21.71 -7.15
N SER A 741 10.45 20.83 -7.62
CA SER A 741 11.72 21.21 -8.20
C SER A 741 11.98 20.25 -9.41
N ARG A 742 12.68 20.75 -10.43
CA ARG A 742 12.97 19.96 -11.59
C ARG A 742 14.43 20.19 -11.94
N ILE A 743 15.01 19.26 -12.68
CA ILE A 743 16.42 19.31 -12.97
C ILE A 743 16.66 19.75 -14.41
N GLU A 744 17.44 20.80 -14.59
CA GLU A 744 17.80 21.27 -15.91
C GLU A 744 19.32 21.05 -16.08
N VAL A 745 19.85 21.17 -17.28
CA VAL A 745 21.28 20.87 -17.44
C VAL A 745 22.03 22.01 -18.06
N GLN A 746 23.35 22.01 -17.83
CA GLN A 746 24.28 22.95 -18.47
C GLN A 746 24.10 22.89 -19.97
N ASP A 747 23.73 24.03 -20.54
CA ASP A 747 23.47 24.17 -21.97
C ASP A 747 24.79 24.40 -22.70
N THR A 748 24.76 24.26 -24.03
CA THR A 748 25.87 24.74 -24.86
C THR A 748 25.85 26.27 -24.88
N SER A 749 24.67 26.85 -24.71
CA SER A 749 24.49 28.27 -24.41
C SER A 749 24.91 28.60 -22.97
N GLY A 750 25.31 27.58 -22.22
CA GLY A 750 25.70 27.72 -20.82
C GLY A 750 24.55 27.45 -19.85
N GLY A 751 23.43 28.14 -20.08
CA GLY A 751 22.26 28.11 -19.21
C GLY A 751 21.62 26.75 -18.99
N THR A 752 20.33 26.75 -18.71
CA THR A 752 19.59 25.51 -18.48
C THR A 752 18.63 25.21 -19.62
N THR A 753 18.37 23.93 -19.85
CA THR A 753 17.46 23.51 -20.91
C THR A 753 16.23 22.81 -20.34
N ALA A 754 15.74 21.80 -21.06
CA ALA A 754 14.57 21.06 -20.62
C ALA A 754 14.72 19.57 -20.92
N LEU A 755 14.94 18.78 -19.87
CA LEU A 755 15.11 17.33 -20.03
C LEU A 755 13.75 16.64 -20.17
N ARG A 756 12.71 17.42 -20.45
CA ARG A 756 11.37 16.89 -20.61
C ARG A 756 10.33 17.79 -19.97
N PRO A 757 9.10 17.71 -20.46
CA PRO A 757 8.00 18.53 -19.92
C PRO A 757 7.56 17.93 -18.60
N SER A 758 7.17 18.77 -17.67
CA SER A 758 6.68 18.33 -16.34
C SER A 758 5.61 19.33 -15.89
N ALA A 759 5.16 19.22 -14.65
CA ALA A 759 4.12 20.11 -14.13
C ALA A 759 4.50 21.60 -14.21
N SER A 760 5.70 21.94 -13.78
CA SER A 760 6.10 23.33 -13.80
C SER A 760 6.37 23.91 -15.20
N THR A 761 6.54 23.06 -16.22
CA THR A 761 6.77 23.63 -17.54
C THR A 761 5.52 23.64 -18.41
N GLN A 762 4.48 22.92 -17.98
CA GLN A 762 3.28 22.76 -18.81
C GLN A 762 2.00 23.28 -18.14
N ALA A 763 2.19 24.13 -17.13
CA ALA A 763 1.09 24.70 -16.30
C ALA A 763 0.23 25.55 -17.17
N LEU A 764 -1.04 25.71 -16.77
CA LEU A 764 -1.96 26.54 -17.52
C LEU A 764 -1.50 28.00 -17.55
N SER A 765 -0.80 28.44 -16.52
CA SER A 765 -0.19 29.77 -16.52
C SER A 765 0.99 29.85 -15.57
N SER A 766 1.78 30.90 -15.72
CA SER A 766 3.06 30.99 -15.05
C SER A 766 3.47 32.43 -14.78
N SER A 767 4.63 32.56 -14.14
CA SER A 767 5.21 33.81 -13.68
C SER A 767 6.59 33.45 -13.13
N VAL A 768 7.56 34.34 -13.25
CA VAL A 768 8.92 34.06 -12.73
C VAL A 768 9.20 35.06 -11.64
N SER A 769 10.29 34.93 -10.91
CA SER A 769 10.52 35.87 -9.84
C SER A 769 11.22 37.04 -10.47
N SER A 770 10.65 38.23 -10.29
CA SER A 770 11.29 39.44 -10.80
C SER A 770 12.13 40.14 -9.73
N SER A 771 12.09 39.64 -8.50
CA SER A 771 12.81 40.22 -7.39
C SER A 771 14.24 40.59 -7.73
N LYS A 772 14.67 41.75 -7.22
CA LYS A 772 16.05 42.21 -7.39
C LYS A 772 16.84 42.14 -6.09
N LEU A 773 16.35 41.35 -5.12
CA LEU A 773 16.99 41.22 -3.79
C LEU A 773 18.48 40.87 -3.75
N PHE A 774 18.99 40.24 -4.81
CA PHE A 774 20.41 39.87 -4.83
C PHE A 774 21.19 40.41 -6.03
N SER A 775 22.43 40.81 -5.76
CA SER A 775 23.36 41.34 -6.75
C SER A 775 24.78 41.29 -6.20
N SER A 776 25.28 40.07 -6.01
CA SER A 776 26.59 39.83 -5.40
C SER A 776 27.28 38.59 -5.96
N GLY A 786 26.71 19.63 -18.79
CA GLY A 786 27.99 19.45 -18.12
C GLY A 786 27.87 19.63 -16.61
N GLU A 787 26.72 20.15 -16.18
CA GLU A 787 26.43 20.37 -14.76
C GLU A 787 24.91 20.31 -14.57
N GLU A 788 24.44 20.02 -13.36
CA GLU A 788 23.00 19.87 -13.08
C GLU A 788 22.48 20.88 -12.09
N VAL A 789 21.29 21.40 -12.34
CA VAL A 789 20.72 22.48 -11.53
C VAL A 789 19.24 22.26 -11.20
N GLU A 790 18.88 22.32 -9.92
CA GLU A 790 17.50 22.30 -9.57
C GLU A 790 16.90 23.68 -9.89
N VAL A 791 15.62 23.68 -10.23
CA VAL A 791 14.86 24.87 -10.56
C VAL A 791 13.57 24.64 -9.85
N HIS A 792 13.23 25.53 -8.92
CA HIS A 792 12.11 25.33 -7.98
C HIS A 792 10.95 26.22 -8.32
N ASN A 793 9.75 25.74 -8.04
CA ASN A 793 8.55 26.44 -8.41
C ASN A 793 7.53 26.27 -7.32
N LEU A 794 6.52 27.13 -7.32
CA LEU A 794 5.33 26.92 -6.52
C LEU A 794 4.12 26.61 -7.39
N LEU A 795 3.61 25.37 -7.31
CA LEU A 795 2.44 24.92 -8.08
C LEU A 795 1.14 25.18 -7.39
N ILE A 796 0.13 25.61 -8.16
CA ILE A 796 -1.22 25.87 -7.62
C ILE A 796 -2.14 24.89 -8.32
N ILE A 797 -2.77 24.04 -7.53
CA ILE A 797 -3.42 22.86 -8.05
C ILE A 797 -4.89 22.78 -7.62
N ASP A 798 -5.78 22.62 -8.59
CA ASP A 798 -7.23 22.62 -8.31
C ASP A 798 -7.61 21.42 -7.45
N GLN A 799 -8.32 21.65 -6.36
CA GLN A 799 -8.62 20.50 -5.49
C GLN A 799 -9.57 19.49 -6.16
N HIS A 800 -10.29 19.93 -7.21
CA HIS A 800 -11.26 19.08 -7.93
C HIS A 800 -10.65 18.41 -9.17
N THR A 801 -10.21 19.17 -10.15
CA THR A 801 -9.70 18.56 -11.38
C THR A 801 -8.22 18.19 -11.28
N PHE A 802 -7.57 18.54 -10.17
CA PHE A 802 -6.12 18.39 -9.98
C PHE A 802 -5.23 18.89 -11.14
N GLU A 803 -5.66 19.97 -11.79
CA GLU A 803 -4.86 20.47 -12.89
C GLU A 803 -3.94 21.53 -12.34
N VAL A 804 -2.85 21.74 -13.04
CA VAL A 804 -1.88 22.66 -12.53
C VAL A 804 -2.23 24.08 -13.00
N LEU A 805 -3.14 24.71 -12.26
CA LEU A 805 -3.60 26.07 -12.57
C LEU A 805 -2.46 27.07 -12.87
N HIS A 806 -1.53 27.26 -11.94
CA HIS A 806 -0.47 28.25 -12.13
C HIS A 806 0.83 27.72 -11.57
N ALA A 807 1.95 28.16 -12.14
CA ALA A 807 3.27 27.85 -11.58
C ALA A 807 4.17 29.09 -11.51
N HIS A 808 4.71 29.37 -10.33
CA HIS A 808 5.60 30.50 -10.15
C HIS A 808 6.97 29.93 -9.95
N GLN A 809 7.93 30.38 -10.74
CA GLN A 809 9.29 29.91 -10.62
C GLN A 809 10.10 30.86 -9.76
N PHE A 810 10.87 30.32 -8.81
CA PHE A 810 11.71 31.14 -7.95
C PHE A 810 13.01 31.49 -8.70
N LEU A 811 13.86 32.29 -8.07
CA LEU A 811 15.01 32.85 -8.77
C LEU A 811 15.99 31.73 -9.10
N GLN A 812 16.93 32.03 -10.02
CA GLN A 812 18.07 31.15 -10.26
C GLN A 812 18.74 30.79 -8.95
N ASN A 813 18.82 29.48 -8.69
CA ASN A 813 19.48 28.90 -7.50
C ASN A 813 18.75 28.92 -6.17
N GLU A 814 17.58 29.55 -6.15
CA GLU A 814 16.71 29.52 -4.98
C GLU A 814 15.96 28.18 -4.86
N TYR A 815 16.16 27.51 -3.73
CA TYR A 815 15.41 26.32 -3.41
C TYR A 815 14.34 26.78 -2.45
N ALA A 816 13.09 26.43 -2.71
CA ALA A 816 12.04 26.61 -1.73
C ALA A 816 12.12 25.44 -0.72
N LEU A 817 12.14 25.72 0.58
CA LEU A 817 12.19 24.64 1.54
C LEU A 817 10.92 24.48 2.35
N SER A 818 10.22 25.56 2.64
CA SER A 818 9.07 25.45 3.49
C SER A 818 7.92 26.19 2.87
N LEU A 819 6.71 25.86 3.26
CA LEU A 819 5.48 26.42 2.71
C LEU A 819 4.38 26.43 3.76
N VAL A 820 3.55 27.47 3.73
CA VAL A 820 2.43 27.55 4.66
C VAL A 820 1.25 28.29 4.04
N SER A 821 0.04 27.92 4.48
CA SER A 821 -1.17 28.63 4.06
C SER A 821 -1.87 29.13 5.30
N CYS A 822 -1.98 30.45 5.40
CA CYS A 822 -2.60 31.07 6.58
C CYS A 822 -3.02 32.51 6.34
N LYS A 823 -3.91 32.98 7.21
CA LYS A 823 -4.11 34.41 7.50
C LYS A 823 -3.01 34.95 8.47
N LEU A 824 -2.69 36.22 8.36
CA LEU A 824 -1.68 36.85 9.21
C LEU A 824 -2.14 38.15 9.87
N GLY A 825 -1.93 38.26 11.18
CA GLY A 825 -2.22 39.48 11.92
C GLY A 825 -3.67 39.85 11.80
N LYS A 826 -3.94 41.07 11.33
CA LYS A 826 -5.30 41.57 11.21
C LYS A 826 -5.94 41.32 9.83
N ASP A 827 -5.11 41.03 8.83
CA ASP A 827 -5.51 40.87 7.43
C ASP A 827 -6.41 39.64 7.24
N PRO A 828 -7.57 39.80 6.57
CA PRO A 828 -8.47 38.66 6.30
C PRO A 828 -8.03 37.73 5.18
N ASN A 829 -7.15 38.20 4.31
CA ASN A 829 -6.60 37.39 3.23
C ASN A 829 -5.77 36.21 3.76
N THR A 830 -5.76 35.14 2.94
CA THR A 830 -5.01 33.88 3.10
C THR A 830 -3.88 34.00 2.05
N TYR A 831 -2.65 33.99 2.54
CA TYR A 831 -1.45 34.10 1.73
C TYR A 831 -0.85 32.70 1.94
N PHE A 832 -0.14 32.28 0.92
CA PHE A 832 0.57 31.03 0.87
C PHE A 832 1.95 31.64 1.02
N ILE A 833 2.71 31.31 2.09
CA ILE A 833 4.03 31.74 2.36
C ILE A 833 5.04 30.74 2.08
N VAL A 834 6.07 31.20 1.46
CA VAL A 834 7.13 30.28 1.06
C VAL A 834 8.50 30.71 1.59
N GLY A 835 9.20 29.80 2.25
CA GLY A 835 10.51 30.10 2.80
C GLY A 835 11.55 29.51 1.86
N THR A 836 12.54 30.33 1.46
CA THR A 836 13.52 29.85 0.48
C THR A 836 14.94 29.83 0.98
N ALA A 837 15.88 29.76 0.04
CA ALA A 837 17.28 29.57 0.34
C ALA A 837 18.09 29.60 -0.93
N MET A 838 19.15 30.41 -0.93
CA MET A 838 20.02 30.50 -2.08
C MET A 838 21.07 29.43 -1.96
N VAL A 839 21.03 28.47 -2.89
CA VAL A 839 21.81 27.26 -2.75
C VAL A 839 22.90 27.11 -3.79
N TYR A 840 24.14 27.14 -3.33
CA TYR A 840 25.30 26.97 -4.19
C TYR A 840 26.04 25.75 -3.70
N PRO A 841 26.65 24.95 -4.62
CA PRO A 841 27.26 23.66 -4.31
C PRO A 841 28.45 23.72 -3.35
N GLU A 842 29.37 24.67 -3.60
CA GLU A 842 30.56 24.86 -2.76
C GLU A 842 30.27 25.15 -1.28
N GLU A 843 29.18 25.85 -0.99
CA GLU A 843 28.82 26.20 0.37
C GLU A 843 28.26 25.02 1.16
N ALA A 844 28.54 24.97 2.46
CA ALA A 844 27.98 23.94 3.33
C ALA A 844 26.60 24.35 3.84
N GLU A 845 26.52 25.56 4.41
CA GLU A 845 25.26 26.22 4.75
C GLU A 845 25.08 27.46 3.89
N PRO A 846 23.82 27.75 3.50
CA PRO A 846 23.52 28.98 2.77
C PRO A 846 23.43 30.17 3.72
N LYS A 847 23.74 31.37 3.20
CA LYS A 847 23.70 32.60 3.99
C LYS A 847 22.55 33.53 3.56
N GLN A 848 21.80 33.13 2.53
CA GLN A 848 20.76 33.97 1.96
C GLN A 848 19.51 33.19 1.54
N GLY A 849 18.34 33.78 1.79
CA GLY A 849 17.05 33.29 1.35
C GLY A 849 15.99 34.36 1.56
N ARG A 850 14.76 34.08 1.17
CA ARG A 850 13.68 35.02 1.37
C ARG A 850 12.41 34.39 1.83
N ILE A 851 11.47 35.23 2.20
CA ILE A 851 10.19 34.79 2.66
C ILE A 851 9.27 35.55 1.73
N VAL A 852 8.56 34.82 0.90
CA VAL A 852 7.69 35.42 -0.04
C VAL A 852 6.26 35.15 0.27
N VAL A 853 5.43 36.16 0.12
CA VAL A 853 4.02 36.04 0.38
C VAL A 853 3.28 36.18 -0.91
N PHE A 854 2.48 35.19 -1.24
CA PHE A 854 1.75 35.22 -2.45
C PHE A 854 0.30 35.17 -2.24
N GLN A 855 -0.45 35.60 -3.22
CA GLN A 855 -1.88 35.53 -3.13
C GLN A 855 -2.63 34.97 -4.34
N TYR A 856 -3.43 33.96 -4.10
CA TYR A 856 -4.27 33.34 -5.06
C TYR A 856 -5.68 33.54 -4.57
N SER A 857 -6.41 34.49 -5.15
CA SER A 857 -7.74 34.78 -4.61
C SER A 857 -8.78 34.91 -5.71
N ASP A 858 -8.43 35.68 -6.73
CA ASP A 858 -9.34 35.90 -7.83
C ASP A 858 -9.26 34.67 -8.69
N GLY A 859 -8.66 34.83 -9.86
CA GLY A 859 -8.33 33.70 -10.70
C GLY A 859 -6.83 33.60 -10.89
N LYS A 860 -6.06 34.39 -10.14
CA LYS A 860 -4.62 34.32 -10.29
C LYS A 860 -3.74 34.60 -9.06
N LEU A 861 -2.43 34.45 -9.29
CA LEU A 861 -1.40 34.42 -8.27
C LEU A 861 -0.62 35.73 -8.20
N GLN A 862 -0.70 36.40 -7.05
CA GLN A 862 -0.16 37.74 -6.86
C GLN A 862 1.00 37.70 -5.85
N THR A 863 2.16 38.24 -6.21
CA THR A 863 3.25 38.40 -5.25
C THR A 863 3.01 39.59 -4.32
N VAL A 864 2.61 39.31 -3.09
CA VAL A 864 2.29 40.36 -2.14
C VAL A 864 3.50 41.00 -1.51
N ALA A 865 4.31 40.23 -0.78
CA ALA A 865 5.52 40.67 -0.05
C ALA A 865 6.75 39.78 -0.25
N GLU A 866 7.94 40.35 -0.06
CA GLU A 866 9.25 39.69 -0.20
C GLU A 866 9.96 40.13 1.12
N LYS A 867 10.76 39.30 1.77
CA LYS A 867 11.47 39.68 3.02
C LYS A 867 12.80 38.99 2.84
N GLU A 868 13.88 39.72 2.96
CA GLU A 868 15.27 39.31 2.73
C GLU A 868 15.50 38.78 4.10
N VAL A 869 16.32 37.76 4.14
CA VAL A 869 16.54 36.98 5.35
C VAL A 869 17.94 36.36 5.21
N LYS A 870 18.69 36.31 6.31
CA LYS A 870 20.12 35.96 6.25
C LYS A 870 20.46 34.45 6.32
N GLY A 871 19.64 33.62 5.67
CA GLY A 871 19.94 32.20 5.62
C GLY A 871 18.84 31.41 4.94
N ALA A 872 18.75 30.14 5.29
CA ALA A 872 17.83 29.20 4.65
C ALA A 872 16.62 29.00 5.55
N VAL A 873 15.44 29.12 4.99
CA VAL A 873 14.23 29.10 5.79
C VAL A 873 13.72 27.67 5.88
N TYR A 874 14.38 26.90 6.74
CA TYR A 874 14.17 25.48 6.90
C TYR A 874 12.77 25.10 7.25
N SER A 875 12.13 25.87 8.12
CA SER A 875 10.73 25.59 8.43
C SER A 875 10.00 26.83 8.84
N MET A 876 8.68 26.76 8.82
CA MET A 876 7.92 27.90 9.31
C MET A 876 6.53 27.47 9.66
N VAL A 877 5.84 28.27 10.46
CA VAL A 877 4.57 27.85 11.06
C VAL A 877 3.89 29.13 11.51
N GLU A 878 2.61 29.27 11.23
CA GLU A 878 1.85 30.38 11.76
C GLU A 878 1.70 30.15 13.25
N PHE A 879 2.17 31.11 14.04
CA PHE A 879 2.09 31.00 15.47
C PHE A 879 0.73 31.49 15.93
N ASN A 880 0.71 32.71 16.45
CA ASN A 880 -0.49 33.27 17.03
C ASN A 880 -0.79 34.59 16.38
N GLY A 881 -0.81 34.60 15.06
CA GLY A 881 -1.09 35.82 14.31
C GLY A 881 0.16 36.31 13.63
N LYS A 882 1.31 35.74 14.03
CA LYS A 882 2.59 36.04 13.41
C LYS A 882 3.16 34.82 12.64
N LEU A 883 4.30 35.05 11.99
CA LEU A 883 5.00 34.01 11.26
C LEU A 883 6.28 33.67 11.98
N LEU A 884 6.31 32.45 12.51
CA LEU A 884 7.48 31.88 13.17
C LEU A 884 8.30 31.18 12.10
N ALA A 885 9.52 31.59 11.89
CA ALA A 885 10.32 31.04 10.83
C ALA A 885 11.65 30.59 11.41
N SER A 886 12.19 29.49 10.91
CA SER A 886 13.42 28.97 11.42
C SER A 886 14.47 29.19 10.34
N ILE A 887 15.32 30.21 10.52
CA ILE A 887 16.28 30.55 9.49
C ILE A 887 17.64 30.13 9.92
N ASN A 888 18.08 28.95 9.46
CA ASN A 888 19.48 28.59 9.48
C ASN A 888 20.14 28.68 10.86
N SER A 889 19.67 27.86 11.81
CA SER A 889 20.11 27.95 13.26
C SER A 889 19.55 29.10 14.07
N THR A 890 18.67 29.92 13.50
CA THR A 890 18.01 30.99 14.24
C THR A 890 16.49 30.82 14.15
N VAL A 891 15.76 31.21 15.19
CA VAL A 891 14.29 31.20 15.14
C VAL A 891 13.75 32.60 15.45
N ARG A 892 12.94 33.13 14.52
CA ARG A 892 12.53 34.54 14.54
C ARG A 892 11.07 34.63 14.28
N LEU A 893 10.43 35.53 15.00
CA LEU A 893 8.99 35.73 14.90
C LEU A 893 8.78 36.91 13.98
N TYR A 894 7.82 36.82 13.06
CA TYR A 894 7.56 37.93 12.13
C TYR A 894 6.17 38.47 12.24
N GLU A 895 6.08 39.80 12.15
CA GLU A 895 4.84 40.57 12.27
C GLU A 895 4.34 40.98 10.88
N TRP A 896 3.04 40.95 10.68
CA TRP A 896 2.49 41.36 9.39
C TRP A 896 1.79 42.70 9.56
N THR A 897 2.59 43.73 9.35
CA THR A 897 2.22 45.13 9.31
C THR A 897 0.90 45.35 8.57
N THR A 898 0.25 46.49 8.79
CA THR A 898 -1.05 46.69 8.16
C THR A 898 -0.89 47.24 6.75
N GLU A 899 0.30 47.74 6.48
CA GLU A 899 0.73 48.16 5.18
C GLU A 899 1.25 46.96 4.38
N LYS A 900 0.87 45.74 4.81
CA LYS A 900 1.22 44.49 4.13
C LYS A 900 2.72 44.25 3.97
N ASP A 901 3.46 44.35 5.07
CA ASP A 901 4.91 44.29 5.15
C ASP A 901 5.18 43.21 6.23
N VAL A 902 6.21 42.36 6.06
CA VAL A 902 6.60 41.44 7.17
C VAL A 902 7.80 42.01 7.93
N ARG A 903 7.76 42.02 9.26
CA ARG A 903 8.89 42.60 10.04
C ARG A 903 9.11 41.98 11.42
N THR A 904 10.37 41.95 11.82
CA THR A 904 10.78 41.28 13.06
C THR A 904 11.46 42.28 13.97
N GLU A 905 11.62 41.91 15.23
CA GLU A 905 12.45 42.70 16.14
C GLU A 905 13.78 41.99 16.30
N CYS A 906 14.74 42.40 15.48
CA CYS A 906 16.06 41.75 15.34
C CYS A 906 16.86 41.39 16.61
N ASN A 907 16.51 41.95 17.76
CA ASN A 907 17.11 41.44 19.00
C ASN A 907 16.30 40.33 19.68
N HIS A 908 15.15 39.99 19.08
CA HIS A 908 14.28 38.94 19.61
C HIS A 908 14.35 37.69 18.73
N TYR A 909 15.28 36.81 19.10
CA TYR A 909 15.58 35.64 18.30
C TYR A 909 15.94 34.44 19.16
N ASN A 910 16.54 33.44 18.52
CA ASN A 910 16.68 32.10 19.04
C ASN A 910 17.90 31.40 18.48
N ASN A 911 18.59 30.64 19.32
CA ASN A 911 19.69 29.81 18.83
C ASN A 911 19.26 28.35 18.76
N ILE A 912 18.39 28.07 17.78
CA ILE A 912 17.92 26.72 17.44
C ILE A 912 17.98 26.50 15.94
N MET A 913 18.34 25.29 15.53
CA MET A 913 18.21 24.81 14.15
C MET A 913 16.93 23.92 13.97
N ALA A 914 15.75 24.55 13.96
CA ALA A 914 14.47 23.82 13.92
C ALA A 914 14.13 23.15 12.57
N LEU A 915 14.78 22.01 12.32
CA LEU A 915 14.61 21.29 11.08
C LEU A 915 13.18 20.81 10.95
N TYR A 916 12.57 20.46 12.07
CA TYR A 916 11.17 20.07 12.11
C TYR A 916 10.54 20.92 13.20
N LEU A 917 9.28 21.33 13.01
CA LEU A 917 8.61 22.27 13.90
C LEU A 917 7.11 21.98 14.07
N LYS A 918 6.57 22.10 15.29
CA LYS A 918 5.10 22.02 15.46
C LYS A 918 4.59 22.95 16.56
N THR A 919 3.32 23.34 16.50
CA THR A 919 2.74 24.27 17.44
C THR A 919 1.49 23.76 18.09
N LYS A 920 1.38 23.99 19.40
CA LYS A 920 0.15 23.77 20.16
C LYS A 920 -0.53 25.11 20.29
N GLY A 921 -1.81 25.16 19.91
CA GLY A 921 -2.65 26.37 19.91
C GLY A 921 -2.31 27.38 21.00
N ASP A 922 -1.70 26.86 22.07
CA ASP A 922 -1.12 27.67 23.15
C ASP A 922 0.15 28.36 22.63
N PHE A 923 1.03 28.73 23.55
CA PHE A 923 2.19 29.53 23.25
C PHE A 923 3.40 28.61 23.14
N ILE A 924 3.16 27.38 22.63
CA ILE A 924 4.13 26.25 22.70
C ILE A 924 4.66 25.79 21.33
N LEU A 925 5.61 24.85 21.35
CA LEU A 925 6.41 24.49 20.19
C LEU A 925 7.38 23.33 20.43
N VAL A 926 7.33 22.29 19.56
CA VAL A 926 8.31 21.18 19.54
C VAL A 926 9.26 21.46 18.40
N GLY A 927 10.57 21.54 18.68
CA GLY A 927 11.60 21.74 17.65
C GLY A 927 12.49 20.52 17.54
N ASP A 928 13.60 20.64 16.78
CA ASP A 928 14.87 19.85 16.89
C ASP A 928 16.12 20.73 16.65
N LEU A 929 17.12 20.67 17.53
CA LEU A 929 18.32 21.55 17.49
C LEU A 929 19.59 20.80 17.08
N MET A 930 20.35 20.33 18.08
CA MET A 930 21.58 19.56 17.89
C MET A 930 21.30 18.10 18.20
N ARG A 931 20.37 17.55 17.43
CA ARG A 931 19.94 16.15 17.52
C ARG A 931 19.29 15.76 18.86
N SER A 932 18.05 16.22 18.99
CA SER A 932 17.27 16.18 20.22
C SER A 932 15.87 16.75 19.96
N VAL A 933 14.89 16.40 20.80
CA VAL A 933 13.57 17.07 20.78
C VAL A 933 13.44 18.13 21.90
N LEU A 934 12.96 19.32 21.56
CA LEU A 934 12.88 20.43 22.54
C LEU A 934 11.47 21.02 22.66
N LEU A 935 11.17 21.57 23.82
CA LEU A 935 9.87 22.13 24.08
C LEU A 935 10.00 23.61 24.50
N LEU A 936 9.36 24.50 23.78
CA LEU A 936 9.52 25.93 24.07
C LEU A 936 8.19 26.66 24.12
N ALA A 937 8.09 27.59 25.07
CA ALA A 937 6.91 28.43 25.17
C ALA A 937 7.25 29.90 25.04
N TYR A 938 6.32 30.65 24.48
CA TYR A 938 6.47 32.08 24.27
C TYR A 938 6.27 32.85 25.58
N LYS A 939 7.24 33.69 25.93
CA LYS A 939 7.15 34.59 27.10
C LYS A 939 7.19 36.02 26.59
N PRO A 940 6.04 36.73 26.61
CA PRO A 940 6.07 38.05 25.94
C PRO A 940 6.85 39.12 26.73
N MET A 941 7.10 38.87 28.02
CA MET A 941 7.97 39.75 28.80
C MET A 941 9.27 39.99 28.02
N GLU A 942 9.83 38.92 27.45
CA GLU A 942 11.10 38.96 26.71
C GLU A 942 10.90 38.97 25.19
N GLY A 943 9.63 38.99 24.76
CA GLY A 943 9.27 38.94 23.33
C GLY A 943 9.89 37.73 22.68
N ASN A 944 9.94 36.64 23.43
CA ASN A 944 10.87 35.54 23.18
C ASN A 944 10.19 34.18 23.34
N PHE A 945 10.99 33.14 23.31
CA PHE A 945 10.54 31.79 23.58
C PHE A 945 11.44 31.24 24.73
N GLU A 946 10.85 30.52 25.67
CA GLU A 946 11.62 29.97 26.78
C GLU A 946 11.76 28.46 26.60
N GLU A 947 12.91 27.91 27.00
CA GLU A 947 13.15 26.49 26.84
C GLU A 947 12.60 25.65 27.99
N ILE A 948 11.28 25.50 28.05
CA ILE A 948 10.62 24.69 29.08
C ILE A 948 11.30 23.34 29.37
N ALA A 949 11.61 22.58 28.32
CA ALA A 949 12.17 21.23 28.48
C ALA A 949 12.85 20.67 27.24
N ARG A 950 13.62 19.61 27.48
CA ARG A 950 14.47 18.97 26.48
C ARG A 950 14.57 17.44 26.70
N ASP A 951 14.70 16.73 25.60
CA ASP A 951 15.08 15.35 25.60
C ASP A 951 16.58 15.36 25.38
N PHE A 952 17.33 15.14 26.46
CA PHE A 952 18.73 14.75 26.38
C PHE A 952 18.58 13.34 25.82
N ASN A 953 19.65 12.55 25.75
CA ASN A 953 19.55 11.27 25.03
C ASN A 953 19.39 11.59 23.54
N PRO A 954 20.46 11.40 22.76
CA PRO A 954 20.51 11.95 21.40
C PRO A 954 19.76 11.10 20.39
N ASN A 955 19.26 11.74 19.36
CA ASN A 955 18.37 11.11 18.37
C ASN A 955 18.40 11.93 17.10
N TRP A 956 18.79 11.27 16.00
CA TRP A 956 18.77 11.88 14.68
C TRP A 956 17.34 11.87 14.14
N MET A 957 16.61 12.91 14.51
CA MET A 957 15.18 13.02 14.24
C MET A 957 14.93 13.09 12.74
N SER A 958 13.76 12.58 12.36
CA SER A 958 13.32 12.65 10.96
C SER A 958 11.93 13.28 10.86
N ALA A 959 11.18 13.26 11.96
CA ALA A 959 9.86 13.90 12.04
C ALA A 959 9.47 14.04 13.53
N VAL A 960 8.36 14.72 13.84
CA VAL A 960 8.05 15.20 15.20
C VAL A 960 6.61 15.64 15.26
N GLU A 961 5.90 15.28 16.34
CA GLU A 961 4.50 15.70 16.47
C GLU A 961 4.03 15.83 17.93
N ILE A 962 3.18 16.83 18.15
CA ILE A 962 2.45 17.01 19.40
C ILE A 962 1.25 16.08 19.45
N LEU A 963 1.22 15.19 20.44
CA LEU A 963 0.02 14.36 20.64
C LEU A 963 -1.02 15.12 21.49
N ASP A 964 -0.57 15.59 22.66
CA ASP A 964 -1.29 16.56 23.47
C ASP A 964 -0.24 17.48 24.10
N ASP A 965 -0.63 18.15 25.19
CA ASP A 965 0.19 19.19 25.83
C ASP A 965 1.42 18.72 26.59
N ASP A 966 1.47 17.43 26.91
CA ASP A 966 2.54 16.88 27.74
C ASP A 966 3.29 15.77 27.02
N ASN A 967 2.80 15.37 25.85
CA ASN A 967 3.34 14.22 25.12
C ASN A 967 3.65 14.50 23.66
N PHE A 968 4.85 14.08 23.25
CA PHE A 968 5.43 14.45 21.96
C PHE A 968 6.04 13.26 21.22
N LEU A 969 5.46 12.95 20.05
CA LEU A 969 5.88 11.80 19.25
C LEU A 969 7.05 12.18 18.37
N GLY A 970 8.07 11.32 18.32
CA GLY A 970 9.22 11.54 17.47
C GLY A 970 9.54 10.29 16.67
N ALA A 971 10.23 10.48 15.54
CA ALA A 971 10.73 9.41 14.67
C ALA A 971 12.17 9.74 14.30
N GLU A 972 12.94 8.71 13.96
CA GLU A 972 14.39 8.85 13.99
C GLU A 972 15.18 7.93 13.02
N ASN A 973 16.41 8.34 12.73
CA ASN A 973 17.33 7.67 11.85
C ASN A 973 17.34 6.12 11.91
N ALA A 974 16.94 5.53 13.04
CA ALA A 974 17.07 4.08 13.17
C ALA A 974 15.72 3.35 13.11
N PHE A 975 14.78 4.00 12.45
CA PHE A 975 13.42 3.47 12.21
C PHE A 975 12.67 3.19 13.53
N ASN A 976 13.05 3.91 14.57
CA ASN A 976 12.35 3.86 15.87
C ASN A 976 11.39 5.04 16.09
N LEU A 977 10.30 4.77 16.80
CA LEU A 977 9.40 5.82 17.22
C LEU A 977 9.64 6.03 18.70
N PHE A 978 9.28 7.22 19.19
CA PHE A 978 9.34 7.45 20.63
C PHE A 978 8.48 8.58 21.13
N VAL A 979 7.99 8.41 22.34
CA VAL A 979 7.18 9.42 22.99
C VAL A 979 7.92 10.05 24.19
N CYS A 980 8.14 11.36 24.09
CA CYS A 980 8.73 12.17 25.15
C CYS A 980 7.63 12.86 25.90
N GLN A 981 7.78 12.91 27.21
CA GLN A 981 6.75 13.46 28.09
C GLN A 981 7.44 14.29 29.16
N LYS A 982 6.76 15.33 29.63
CA LYS A 982 7.35 16.19 30.66
C LYS A 982 7.05 15.67 32.05
N ASP A 983 8.10 15.62 32.88
CA ASP A 983 8.01 15.09 34.23
C ASP A 983 6.96 15.85 35.03
N SER A 984 6.14 15.09 35.77
CA SER A 984 5.15 15.69 36.63
C SER A 984 5.55 15.47 38.10
N ALA A 985 6.75 15.94 38.47
CA ALA A 985 7.31 15.72 39.81
C ALA A 985 8.37 16.76 40.24
N ALA A 986 8.87 16.63 41.47
CA ALA A 986 9.60 17.68 42.22
C ALA A 986 10.89 18.22 41.60
N THR A 987 11.53 19.15 42.33
CA THR A 987 12.67 19.98 41.86
C THR A 987 12.46 20.57 40.46
N THR A 988 11.23 21.07 40.26
CA THR A 988 10.72 21.60 38.98
C THR A 988 11.55 22.79 38.51
N ASP A 989 12.81 22.52 38.21
CA ASP A 989 13.79 23.55 37.89
C ASP A 989 15.10 22.86 37.54
N GLU A 990 15.03 21.61 37.09
CA GLU A 990 16.19 20.77 36.81
C GLU A 990 15.73 19.43 36.22
N GLU A 991 14.98 18.68 37.02
CA GLU A 991 14.26 17.49 36.58
C GLU A 991 13.10 17.84 35.63
N ARG A 992 12.71 19.12 35.64
CA ARG A 992 11.65 19.67 34.79
C ARG A 992 12.24 20.01 33.43
N GLN A 993 13.55 20.23 33.42
CA GLN A 993 14.27 20.61 32.21
C GLN A 993 14.48 19.37 31.31
N HIS A 994 14.24 18.18 31.88
CA HIS A 994 14.46 16.89 31.22
C HIS A 994 13.13 16.23 30.86
N LEU A 995 12.75 16.20 29.58
CA LEU A 995 11.61 15.36 29.25
C LEU A 995 12.04 13.90 29.14
N GLN A 996 11.08 12.99 29.22
CA GLN A 996 11.45 11.59 29.29
C GLN A 996 10.71 10.65 28.38
N GLU A 997 11.51 9.76 27.81
CA GLU A 997 11.08 8.76 26.87
C GLU A 997 10.19 7.78 27.61
N VAL A 998 8.90 8.05 27.59
CA VAL A 998 7.91 7.21 28.24
C VAL A 998 7.54 6.02 27.35
N GLY A 999 7.78 6.15 26.05
CA GLY A 999 7.41 5.13 25.07
C GLY A 999 8.52 4.88 24.06
N LEU A 1000 8.71 3.61 23.72
CA LEU A 1000 9.70 3.19 22.71
C LEU A 1000 9.11 2.11 21.81
N PHE A 1001 9.70 1.94 20.62
CA PHE A 1001 9.12 1.04 19.62
C PHE A 1001 9.91 1.04 18.31
N HIS A 1002 10.38 -0.13 17.91
CA HIS A 1002 11.02 -0.25 16.60
C HIS A 1002 9.97 -0.43 15.54
N LEU A 1003 9.79 0.61 14.74
CA LEU A 1003 8.75 0.68 13.71
C LEU A 1003 9.16 0.04 12.39
N GLY A 1004 10.44 0.12 12.04
CA GLY A 1004 10.95 -0.45 10.78
C GLY A 1004 10.68 0.40 9.54
N GLU A 1005 10.17 1.62 9.71
CA GLU A 1005 10.05 2.55 8.58
C GLU A 1005 10.81 3.85 8.84
N PHE A 1006 11.01 4.66 7.81
CA PHE A 1006 11.64 5.95 7.99
C PHE A 1006 10.51 7.00 7.84
N VAL A 1007 10.09 7.63 8.93
CA VAL A 1007 8.96 8.56 8.86
C VAL A 1007 9.32 10.00 8.39
N ASN A 1008 8.55 10.53 7.44
CA ASN A 1008 8.75 11.89 6.94
C ASN A 1008 7.64 12.81 7.38
N VAL A 1009 6.50 12.27 7.74
CA VAL A 1009 5.45 13.19 8.09
C VAL A 1009 4.38 12.56 8.98
N PHE A 1010 4.11 13.23 10.10
CA PHE A 1010 2.92 12.99 10.87
C PHE A 1010 1.98 14.15 10.58
N CYS A 1011 0.70 13.88 10.69
CA CYS A 1011 -0.26 14.96 10.71
C CYS A 1011 -1.58 14.45 11.29
N HIS A 1012 -2.17 15.25 12.16
CA HIS A 1012 -3.46 14.95 12.75
C HIS A 1012 -4.50 14.78 11.66
N GLY A 1013 -5.33 13.75 11.76
CA GLY A 1013 -6.34 13.47 10.75
C GLY A 1013 -6.70 11.99 10.75
N SER A 1014 -7.86 11.66 10.17
CA SER A 1014 -8.25 10.27 9.98
C SER A 1014 -8.99 10.06 8.67
N LEU A 1015 -8.89 8.86 8.12
CA LEU A 1015 -9.60 8.52 6.90
C LEU A 1015 -10.94 7.82 7.13
N VAL A 1016 -11.47 7.89 8.34
CA VAL A 1016 -12.53 6.99 8.75
C VAL A 1016 -13.89 7.63 8.90
N MET A 1017 -13.96 8.66 9.74
CA MET A 1017 -15.21 9.22 10.27
C MET A 1017 -16.38 9.30 9.28
N GLN A 1018 -17.60 9.21 9.80
CA GLN A 1018 -18.80 9.27 8.99
C GLN A 1018 -18.99 10.69 8.45
N PRO A 1026 -14.11 2.26 22.12
CA PRO A 1026 -13.75 3.53 21.46
C PRO A 1026 -12.56 4.20 22.13
N THR A 1027 -11.52 4.45 21.34
CA THR A 1027 -10.26 5.01 21.84
C THR A 1027 -10.02 6.48 21.42
N GLN A 1028 -8.96 7.08 21.96
CA GLN A 1028 -8.73 8.53 21.85
C GLN A 1028 -7.50 8.93 21.00
N GLY A 1029 -7.72 9.76 20.00
CA GLY A 1029 -6.64 10.30 19.17
C GLY A 1029 -6.59 9.71 17.77
N SER A 1030 -5.80 10.34 16.89
CA SER A 1030 -5.57 9.89 15.50
C SER A 1030 -4.46 10.67 14.79
N VAL A 1031 -3.29 10.06 14.68
CA VAL A 1031 -2.19 10.70 13.96
C VAL A 1031 -1.70 9.81 12.84
N LEU A 1032 -1.86 10.25 11.60
CA LEU A 1032 -1.35 9.50 10.43
C LEU A 1032 0.12 9.85 10.17
N PHE A 1033 0.85 8.94 9.55
CA PHE A 1033 2.26 9.15 9.17
C PHE A 1033 2.67 8.51 7.84
N GLY A 1034 3.61 9.14 7.13
CA GLY A 1034 4.01 8.71 5.80
C GLY A 1034 5.48 8.38 5.79
N THR A 1035 5.87 7.49 4.89
CA THR A 1035 7.10 6.71 5.00
C THR A 1035 7.88 6.85 3.72
N VAL A 1036 9.18 6.54 3.77
CA VAL A 1036 10.01 6.45 2.59
C VAL A 1036 9.54 5.27 1.73
N ASN A 1037 9.29 4.13 2.35
CA ASN A 1037 8.71 2.97 1.63
C ASN A 1037 7.27 3.14 1.15
N GLY A 1038 6.61 4.21 1.59
CA GLY A 1038 5.28 4.53 1.11
C GLY A 1038 4.18 3.91 1.95
N MET A 1039 4.44 3.77 3.25
CA MET A 1039 3.66 2.94 4.13
C MET A 1039 2.35 3.59 4.67
N ILE A 1040 2.38 4.78 5.19
CA ILE A 1040 1.15 5.27 5.88
C ILE A 1040 0.75 4.46 7.12
N GLY A 1041 1.04 5.04 8.28
CA GLY A 1041 0.69 4.46 9.56
C GLY A 1041 -0.36 5.27 10.27
N LEU A 1042 -0.81 4.78 11.43
CA LEU A 1042 -1.75 5.46 12.29
C LEU A 1042 -1.37 5.25 13.74
N VAL A 1043 -1.54 6.30 14.54
CA VAL A 1043 -1.17 6.25 15.95
C VAL A 1043 -2.30 6.86 16.77
N THR A 1044 -2.62 6.20 17.89
CA THR A 1044 -3.71 6.60 18.77
C THR A 1044 -3.30 6.36 20.21
N SER A 1045 -3.98 7.02 21.13
CA SER A 1045 -3.79 6.81 22.57
C SER A 1045 -4.78 5.77 23.09
N LEU A 1046 -4.40 5.11 24.17
CA LEU A 1046 -5.28 4.13 24.82
C LEU A 1046 -5.61 4.56 26.25
N SER A 1047 -5.62 3.58 27.15
CA SER A 1047 -5.91 3.81 28.56
C SER A 1047 -5.55 2.55 29.30
N GLU A 1048 -4.96 2.75 30.49
CA GLU A 1048 -4.63 1.67 31.45
C GLU A 1048 -5.18 0.28 31.09
N SER A 1049 -6.50 0.11 31.10
CA SER A 1049 -7.09 -1.21 30.87
C SER A 1049 -6.68 -1.82 29.51
N TRP A 1050 -7.09 -1.17 28.41
CA TRP A 1050 -6.72 -1.63 27.08
C TRP A 1050 -5.23 -1.92 26.97
N TYR A 1051 -4.41 -0.91 27.25
CA TYR A 1051 -2.98 -1.07 27.03
C TYR A 1051 -2.50 -2.33 27.71
N ASN A 1052 -2.93 -2.56 28.95
CA ASN A 1052 -2.56 -3.79 29.68
C ASN A 1052 -3.18 -5.05 29.09
N LEU A 1053 -4.50 -5.02 28.89
CA LEU A 1053 -5.20 -6.11 28.25
C LEU A 1053 -4.49 -6.45 26.94
N LEU A 1054 -4.31 -5.44 26.09
CA LEU A 1054 -3.66 -5.63 24.79
C LEU A 1054 -2.20 -6.08 24.93
N LEU A 1055 -1.53 -5.54 25.95
CA LEU A 1055 -0.17 -5.95 26.26
C LEU A 1055 -0.16 -7.43 26.67
N ASP A 1056 -1.23 -7.82 27.38
CA ASP A 1056 -1.43 -9.19 27.78
C ASP A 1056 -1.52 -9.97 26.48
N MET A 1057 -2.50 -9.57 25.68
CA MET A 1057 -2.80 -10.27 24.44
C MET A 1057 -1.59 -10.45 23.54
N GLN A 1058 -0.68 -9.47 23.56
CA GLN A 1058 0.56 -9.56 22.81
C GLN A 1058 1.41 -10.74 23.21
N ASN A 1059 1.71 -10.86 24.51
CA ASN A 1059 2.61 -11.91 24.97
C ASN A 1059 2.07 -13.33 24.75
N ARG A 1060 0.77 -13.50 24.95
CA ARG A 1060 0.10 -14.76 24.65
C ARG A 1060 0.16 -15.08 23.16
N LEU A 1061 -0.19 -14.07 22.36
CA LEU A 1061 -0.16 -14.10 20.91
C LEU A 1061 1.19 -14.47 20.32
N ASN A 1062 2.27 -14.07 21.01
CA ASN A 1062 3.61 -14.45 20.58
C ASN A 1062 3.80 -15.96 20.64
N LYS A 1063 3.36 -16.55 21.74
CA LYS A 1063 3.53 -17.97 22.04
C LYS A 1063 2.75 -18.84 21.08
N VAL A 1064 1.58 -18.34 20.69
CA VAL A 1064 0.76 -19.01 19.71
C VAL A 1064 1.36 -18.92 18.29
N ILE A 1065 1.45 -17.70 17.75
CA ILE A 1065 1.80 -17.46 16.33
C ILE A 1065 3.16 -17.98 15.90
N LYS A 1066 3.15 -18.68 14.76
CA LYS A 1066 4.37 -19.14 14.11
C LYS A 1066 4.93 -18.03 13.21
N SER A 1067 6.18 -17.64 13.47
CA SER A 1067 6.81 -16.53 12.75
C SER A 1067 7.94 -17.02 11.88
N VAL A 1068 7.99 -16.52 10.65
CA VAL A 1068 8.69 -17.21 9.56
C VAL A 1068 10.06 -17.75 9.87
N GLY A 1069 11.03 -16.89 10.05
CA GLY A 1069 12.40 -17.34 10.26
C GLY A 1069 12.75 -17.49 11.73
N LYS A 1070 11.76 -17.85 12.55
CA LYS A 1070 11.91 -17.98 14.01
C LYS A 1070 12.58 -16.75 14.63
N ILE A 1071 11.92 -15.60 14.43
CA ILE A 1071 12.34 -14.31 14.98
C ILE A 1071 11.32 -13.86 16.05
N GLU A 1072 11.80 -13.61 17.25
CA GLU A 1072 10.94 -13.08 18.31
C GLU A 1072 10.44 -11.68 17.97
N HIS A 1073 9.11 -11.56 17.86
CA HIS A 1073 8.45 -10.25 17.84
C HIS A 1073 9.08 -9.31 18.87
N SER A 1074 9.45 -9.89 20.01
CA SER A 1074 10.02 -9.14 21.11
C SER A 1074 11.33 -8.47 20.72
N PHE A 1075 12.19 -9.21 20.02
CA PHE A 1075 13.49 -8.75 19.58
C PHE A 1075 13.28 -7.68 18.52
N TRP A 1076 12.38 -7.99 17.58
CA TRP A 1076 12.11 -7.20 16.41
C TRP A 1076 11.62 -5.81 16.79
N ARG A 1077 10.49 -5.72 17.51
CA ARG A 1077 9.93 -4.43 17.94
C ARG A 1077 10.78 -3.64 18.97
N SER A 1078 11.82 -4.26 19.52
CA SER A 1078 12.63 -3.55 20.49
C SER A 1078 13.43 -2.41 19.84
N PHE A 1079 13.38 -1.26 20.50
CA PHE A 1079 14.02 -0.03 20.04
C PHE A 1079 15.49 -0.31 19.90
N HIS A 1080 16.03 -0.07 18.72
CA HIS A 1080 17.44 -0.39 18.49
C HIS A 1080 18.20 0.70 17.71
N THR A 1081 19.29 1.16 18.28
CA THR A 1081 20.19 2.12 17.62
C THR A 1081 21.63 1.60 17.67
N GLU A 1082 22.57 2.34 17.08
CA GLU A 1082 24.00 2.02 17.17
C GLU A 1082 24.46 1.94 18.63
N ARG A 1083 23.88 2.81 19.45
CA ARG A 1083 24.24 2.98 20.85
C ARG A 1083 23.60 1.96 21.82
N LYS A 1084 22.28 1.73 21.72
CA LYS A 1084 21.54 0.94 22.72
C LYS A 1084 20.45 0.01 22.16
N THR A 1085 20.03 -0.96 22.99
CA THR A 1085 18.87 -1.80 22.67
C THR A 1085 17.93 -1.99 23.86
N GLU A 1086 16.85 -1.21 23.89
CA GLU A 1086 15.83 -1.31 24.94
C GLU A 1086 14.67 -2.13 24.42
N PRO A 1087 13.96 -2.85 25.32
CA PRO A 1087 12.71 -3.43 24.86
C PRO A 1087 11.77 -2.28 24.52
N ALA A 1088 10.63 -2.60 23.90
CA ALA A 1088 9.61 -1.61 23.59
C ALA A 1088 8.80 -1.24 24.84
N THR A 1089 8.40 0.02 24.94
CA THR A 1089 7.52 0.47 26.02
C THR A 1089 6.43 1.45 25.50
N GLY A 1090 5.27 1.45 26.18
CA GLY A 1090 4.10 2.26 25.83
C GLY A 1090 3.55 2.12 24.41
N PHE A 1091 3.89 1.06 23.70
CA PHE A 1091 3.41 0.91 22.33
C PHE A 1091 2.80 -0.46 22.09
N ILE A 1092 1.92 -0.56 21.11
CA ILE A 1092 1.26 -1.80 20.77
C ILE A 1092 1.05 -1.83 19.27
N ASP A 1093 1.52 -2.89 18.57
CA ASP A 1093 1.17 -2.95 17.15
C ASP A 1093 -0.14 -3.62 16.91
N GLY A 1094 -1.14 -2.78 16.59
CA GLY A 1094 -2.37 -3.23 15.97
C GLY A 1094 -2.13 -4.35 14.98
N ASP A 1095 -0.99 -4.30 14.29
CA ASP A 1095 -0.65 -5.32 13.32
C ASP A 1095 -0.65 -6.69 13.99
N LEU A 1096 0.00 -6.79 15.16
CA LEU A 1096 0.00 -8.02 15.94
C LEU A 1096 -1.37 -8.29 16.53
N ILE A 1097 -2.02 -7.23 17.01
CA ILE A 1097 -3.30 -7.42 17.65
C ILE A 1097 -4.43 -7.74 16.68
N GLU A 1098 -4.19 -7.51 15.39
CA GLU A 1098 -5.19 -7.81 14.37
C GLU A 1098 -5.07 -9.22 13.81
N SER A 1099 -3.87 -9.80 13.89
CA SER A 1099 -3.63 -11.17 13.47
C SER A 1099 -4.27 -12.16 14.42
N PHE A 1100 -4.90 -11.68 15.49
CA PHE A 1100 -5.68 -12.53 16.37
C PHE A 1100 -6.88 -13.13 15.64
N LEU A 1101 -7.50 -12.34 14.77
CA LEU A 1101 -8.67 -12.81 14.02
C LEU A 1101 -8.27 -13.86 12.99
N ASP A 1102 -7.01 -13.82 12.56
CA ASP A 1102 -6.53 -14.76 11.56
C ASP A 1102 -5.86 -15.95 12.23
N ILE A 1103 -6.57 -16.49 13.21
CA ILE A 1103 -6.16 -17.67 13.93
C ILE A 1103 -7.36 -18.60 13.97
N SER A 1104 -7.10 -19.89 14.12
CA SER A 1104 -8.16 -20.88 14.30
C SER A 1104 -8.74 -20.78 15.70
N ARG A 1105 -10.04 -21.03 15.79
CA ARG A 1105 -10.73 -21.11 17.09
C ARG A 1105 -9.94 -21.91 18.15
N PRO A 1106 -9.37 -23.09 17.77
CA PRO A 1106 -8.40 -23.81 18.62
C PRO A 1106 -7.34 -22.91 19.27
N LYS A 1107 -6.28 -22.59 18.52
CA LYS A 1107 -5.23 -21.67 18.99
C LYS A 1107 -5.83 -20.41 19.58
N MET A 1108 -7.03 -20.07 19.13
CA MET A 1108 -7.72 -18.89 19.63
C MET A 1108 -8.11 -19.09 21.11
N GLN A 1109 -8.61 -20.28 21.44
CA GLN A 1109 -9.00 -20.56 22.83
C GLN A 1109 -7.80 -20.85 23.74
N GLU A 1110 -6.63 -20.96 23.13
CA GLU A 1110 -5.38 -21.07 23.86
C GLU A 1110 -5.08 -19.71 24.48
N VAL A 1111 -4.91 -18.73 23.59
CA VAL A 1111 -4.61 -17.35 23.97
C VAL A 1111 -5.49 -16.95 25.14
N VAL A 1112 -6.63 -17.62 25.24
CA VAL A 1112 -7.56 -17.34 26.31
C VAL A 1112 -7.65 -18.40 27.39
N ALA A 1113 -7.22 -18.02 28.57
CA ALA A 1113 -7.24 -18.92 29.71
C ALA A 1113 -7.66 -18.11 30.91
N ASN A 1114 -7.32 -16.83 30.94
CA ASN A 1114 -7.71 -16.03 32.10
C ASN A 1114 -7.25 -14.57 31.95
N ARG A 1125 -13.23 -8.05 35.26
CA ARG A 1125 -13.00 -8.60 33.93
C ARG A 1125 -13.68 -9.95 33.76
N GLU A 1126 -13.44 -10.59 32.62
CA GLU A 1126 -14.04 -11.89 32.33
C GLU A 1126 -13.09 -12.76 31.50
N ALA A 1127 -12.90 -12.39 30.24
CA ALA A 1127 -12.02 -13.12 29.35
C ALA A 1127 -12.79 -14.21 28.60
N THR A 1128 -12.88 -14.06 27.29
CA THR A 1128 -13.58 -15.03 26.45
C THR A 1128 -13.14 -14.94 25.00
N ALA A 1129 -13.44 -15.98 24.22
CA ALA A 1129 -13.07 -16.02 22.82
C ALA A 1129 -13.99 -15.14 21.98
N ASP A 1130 -15.15 -14.81 22.54
CA ASP A 1130 -16.13 -13.97 21.85
C ASP A 1130 -16.11 -12.55 22.41
N ASP A 1131 -16.02 -12.43 23.72
CA ASP A 1131 -15.99 -11.13 24.38
C ASP A 1131 -14.92 -10.27 23.70
N LEU A 1132 -13.89 -10.96 23.19
CA LEU A 1132 -12.58 -10.39 22.85
C LEU A 1132 -12.34 -10.30 21.33
N ILE A 1133 -12.71 -11.37 20.62
CA ILE A 1133 -12.84 -11.32 19.16
C ILE A 1133 -13.47 -9.99 18.72
N LYS A 1134 -14.50 -9.57 19.45
CA LYS A 1134 -15.26 -8.34 19.22
C LYS A 1134 -14.43 -7.08 19.51
N VAL A 1135 -13.65 -7.13 20.59
CA VAL A 1135 -12.74 -6.04 20.97
C VAL A 1135 -11.84 -5.66 19.79
N VAL A 1136 -11.21 -6.67 19.20
CA VAL A 1136 -10.27 -6.46 18.12
C VAL A 1136 -10.95 -5.87 16.90
N GLU A 1137 -12.23 -6.13 16.73
CA GLU A 1137 -12.95 -5.59 15.56
C GLU A 1137 -13.25 -4.10 15.67
N GLU A 1138 -13.68 -3.68 16.86
CA GLU A 1138 -13.81 -2.26 17.18
C GLU A 1138 -12.51 -1.51 16.86
N LEU A 1139 -11.39 -2.25 16.89
CA LEU A 1139 -10.08 -1.68 16.59
C LEU A 1139 -9.79 -1.60 15.10
N THR A 1140 -10.30 -2.58 14.36
CA THR A 1140 -10.11 -2.64 12.91
C THR A 1140 -10.78 -1.42 12.29
N ARG A 1141 -11.91 -1.01 12.87
CA ARG A 1141 -12.66 0.14 12.34
C ARG A 1141 -11.96 1.49 12.55
N ILE A 1142 -10.77 1.43 13.14
CA ILE A 1142 -9.94 2.62 13.39
C ILE A 1142 -9.24 3.19 12.13
N HIS A 1143 -9.12 2.36 11.09
CA HIS A 1143 -8.51 2.75 9.82
C HIS A 1143 -9.20 2.09 8.63
N ASN B 1 25.85 19.80 0.04
CA ASN B 1 25.25 20.87 0.83
C ASN B 1 24.27 20.22 1.80
N PHE B 2 24.20 20.76 3.02
CA PHE B 2 23.23 20.27 3.99
C PHE B 2 21.84 20.13 3.36
N VAL B 3 21.49 21.13 2.55
CA VAL B 3 20.14 21.28 2.02
C VAL B 3 19.70 20.12 1.15
N SER B 4 20.63 19.65 0.33
CA SER B 4 20.29 18.60 -0.60
C SER B 4 20.57 17.25 0.07
N TRP B 5 21.28 17.31 1.20
CA TRP B 5 21.51 16.13 1.98
C TRP B 5 20.15 15.84 2.58
N HIS B 6 19.50 16.91 3.06
CA HIS B 6 18.17 16.74 3.63
C HIS B 6 17.15 16.25 2.56
N ALA B 7 17.15 16.81 1.37
CA ALA B 7 16.20 16.31 0.38
C ALA B 7 16.53 14.89 -0.01
N ASN B 8 17.82 14.56 -0.01
CA ASN B 8 18.19 13.17 -0.28
C ASN B 8 17.65 12.23 0.78
N ARG B 9 17.79 12.62 2.04
CA ARG B 9 17.39 11.77 3.17
C ARG B 9 15.88 11.38 3.13
N GLN B 10 15.03 12.29 2.69
CA GLN B 10 13.59 11.98 2.71
C GLN B 10 13.27 11.04 1.55
N LEU B 11 14.19 10.95 0.58
CA LEU B 11 14.03 10.08 -0.58
C LEU B 11 14.64 8.74 -0.26
N GLY B 12 15.23 8.74 0.94
CA GLY B 12 16.14 7.74 1.43
C GLY B 12 17.49 8.43 1.32
N MET B 13 18.34 7.85 0.50
CA MET B 13 19.52 8.52 -0.10
C MET B 13 19.80 9.22 -1.46
N PRO B 14 19.00 8.93 -2.53
CA PRO B 14 19.37 9.16 -3.95
C PRO B 14 19.86 10.57 -4.39
#